data_3HGQ
#
_entry.id   3HGQ
#
_cell.length_a   60.080
_cell.length_b   132.580
_cell.length_c   90.170
_cell.angle_alpha   90.00
_cell.angle_beta   92.38
_cell.angle_gamma   90.00
#
_symmetry.space_group_name_H-M   'P 1 21 1'
#
_entity_poly.entity_id   1
_entity_poly.type   'polypeptide(L)'
_entity_poly.pdbx_seq_one_letter_code
;ILDTKPIPTIVDATTLGISGNTSGDYWLPTT(MSE)SLYQKELTDQIVSLHYSDILRYFETSHYKEDVILES(MSE)KT
(MSE)CLNGSLVATHPYLLIDHY(MSE)PKSLITRDVPAHLAENSGKFSVLRDLINLVQEYETETAIVCRPGRT(MSE)D
LLEALLLGNKVHIKRYDGHSIKSAAAANDFSCTVHLFSSEGINFTKYPIKSKARFD(MSE)LICLDTTVDTSQKDIQYLL
QYKRERKGLERYAPIVRLVAINSIDHCRLFFGKKFDKNSREYLENVTAA(MSE)VILRDRLGTLPPDLRPIYSQKLHYLV
EWLENPTVPWPLPDIYPLKQYTS(MSE)DVERSLLTEVHFK
;
_entity_poly.pdbx_strand_id   A,B,C,D
#
# COMPACT_ATOMS: atom_id res chain seq x y z
N THR A 22 -20.11 -41.85 37.46
CA THR A 22 -20.41 -42.30 36.10
C THR A 22 -19.23 -43.12 35.55
N SER A 23 -19.11 -43.17 34.22
CA SER A 23 -18.34 -44.21 33.54
C SER A 23 -16.85 -43.94 33.34
N GLY A 24 -16.36 -42.80 33.81
CA GLY A 24 -15.00 -42.40 33.54
C GLY A 24 -14.82 -42.07 32.06
N ASP A 25 -15.93 -41.69 31.43
CA ASP A 25 -15.92 -41.29 30.02
C ASP A 25 -17.02 -40.27 29.80
N TYR A 26 -16.67 -39.00 30.00
CA TYR A 26 -17.66 -37.94 30.03
C TYR A 26 -17.48 -36.96 28.88
N TRP A 27 -18.54 -36.24 28.57
CA TRP A 27 -18.45 -35.19 27.57
C TRP A 27 -18.47 -33.82 28.24
N LEU A 28 -17.81 -32.88 27.59
CA LEU A 28 -17.81 -31.49 28.01
C LEU A 28 -18.22 -30.64 26.82
N PRO A 29 -19.53 -30.31 26.74
CA PRO A 29 -20.04 -29.49 25.63
C PRO A 29 -19.34 -28.14 25.53
N THR A 30 -19.16 -27.65 24.31
CA THR A 30 -18.56 -26.35 24.10
C THR A 30 -19.40 -25.61 23.07
N THR A 31 -19.38 -24.28 23.14
CA THR A 31 -20.15 -23.48 22.21
C THR A 31 -19.44 -23.33 20.87
N SER A 33 -18.32 -20.06 18.15
CA SER A 33 -18.28 -18.65 17.79
C SER A 33 -19.18 -18.39 16.58
N LEU A 34 -19.64 -17.14 16.45
CA LEU A 34 -20.45 -16.75 15.31
C LEU A 34 -19.78 -17.17 14.01
N TYR A 35 -18.46 -16.98 13.95
CA TYR A 35 -17.69 -17.32 12.76
C TYR A 35 -17.73 -18.83 12.51
N GLN A 36 -17.55 -19.60 13.57
CA GLN A 36 -17.59 -21.04 13.44
C GLN A 36 -18.95 -21.50 12.92
N LYS A 37 -20.01 -20.83 13.40
CA LYS A 37 -21.36 -21.16 12.96
C LYS A 37 -21.52 -20.90 11.46
N GLU A 38 -21.30 -19.66 11.04
CA GLU A 38 -21.53 -19.30 9.64
C GLU A 38 -20.55 -20.02 8.70
N LEU A 39 -19.40 -20.43 9.21
CA LEU A 39 -18.51 -21.27 8.42
C LEU A 39 -19.18 -22.60 8.11
N THR A 40 -19.67 -23.27 9.15
CA THR A 40 -20.35 -24.55 9.00
C THR A 40 -21.51 -24.39 8.04
N ASP A 41 -22.30 -23.34 8.26
CA ASP A 41 -23.44 -23.03 7.43
C ASP A 41 -23.05 -22.92 5.98
N GLN A 42 -21.87 -22.33 5.72
CA GLN A 42 -21.34 -22.23 4.37
C GLN A 42 -20.97 -23.59 3.84
N ILE A 43 -20.23 -24.35 4.64
CA ILE A 43 -19.80 -25.68 4.25
C ILE A 43 -21.01 -26.47 3.79
N VAL A 44 -22.11 -26.35 4.51
CA VAL A 44 -23.33 -27.06 4.16
C VAL A 44 -23.89 -26.57 2.82
N SER A 45 -24.02 -25.25 2.68
CA SER A 45 -24.50 -24.68 1.42
C SER A 45 -23.68 -25.18 0.24
N LEU A 46 -22.39 -25.36 0.47
CA LEU A 46 -21.48 -25.80 -0.58
C LEU A 46 -21.88 -27.17 -1.12
N HIS A 47 -22.09 -28.12 -0.20
CA HIS A 47 -22.46 -29.46 -0.58
C HIS A 47 -23.98 -29.59 -0.74
N TYR A 48 -24.67 -28.46 -0.88
CA TYR A 48 -26.13 -28.45 -0.96
C TYR A 48 -26.68 -29.55 -1.88
N SER A 49 -26.33 -29.47 -3.16
CA SER A 49 -26.86 -30.42 -4.13
C SER A 49 -26.39 -31.84 -3.82
N ASP A 50 -25.11 -31.99 -3.50
CA ASP A 50 -24.58 -33.31 -3.15
C ASP A 50 -25.37 -33.95 -2.01
N ILE A 51 -25.80 -33.14 -1.05
CA ILE A 51 -26.59 -33.66 0.06
C ILE A 51 -27.91 -34.24 -0.43
N LEU A 52 -28.68 -33.43 -1.16
CA LEU A 52 -29.99 -33.86 -1.65
C LEU A 52 -29.83 -35.15 -2.45
N ARG A 53 -28.75 -35.23 -3.21
CA ARG A 53 -28.44 -36.42 -3.98
C ARG A 53 -28.27 -37.64 -3.07
N TYR A 54 -27.35 -37.51 -2.12
CA TYR A 54 -27.02 -38.60 -1.19
C TYR A 54 -28.25 -39.16 -0.48
N PHE A 55 -29.30 -38.34 -0.35
CA PHE A 55 -30.51 -38.77 0.36
C PHE A 55 -31.62 -39.22 -0.59
N GLU A 56 -31.60 -38.69 -1.81
CA GLU A 56 -32.58 -39.06 -2.82
C GLU A 56 -32.39 -40.51 -3.25
N THR A 57 -31.39 -40.75 -4.10
CA THR A 57 -31.08 -42.11 -4.53
C THR A 57 -30.46 -42.90 -3.38
N SER A 58 -31.29 -43.22 -2.39
CA SER A 58 -30.82 -43.88 -1.18
C SER A 58 -30.36 -45.31 -1.45
N HIS A 59 -29.42 -45.77 -0.63
CA HIS A 59 -28.82 -47.10 -0.76
C HIS A 59 -27.96 -47.28 -2.01
N TYR A 60 -28.47 -46.83 -3.16
CA TYR A 60 -27.68 -46.90 -4.38
C TYR A 60 -26.33 -46.24 -4.14
N LYS A 61 -26.38 -44.97 -3.74
CA LYS A 61 -25.20 -44.20 -3.34
C LYS A 61 -23.99 -44.36 -4.26
N GLU A 62 -23.62 -43.26 -4.91
CA GLU A 62 -22.44 -43.23 -5.78
C GLU A 62 -21.20 -42.75 -5.02
N ASP A 63 -20.03 -43.19 -5.46
CA ASP A 63 -18.78 -42.91 -4.76
C ASP A 63 -18.43 -41.43 -4.64
N VAL A 64 -18.61 -40.69 -5.73
CA VAL A 64 -18.38 -39.25 -5.71
C VAL A 64 -19.16 -38.60 -4.57
N ILE A 65 -20.44 -38.95 -4.47
CA ILE A 65 -21.31 -38.38 -3.46
C ILE A 65 -20.88 -38.77 -2.06
N LEU A 66 -20.49 -40.03 -1.88
CA LEU A 66 -19.97 -40.46 -0.60
C LEU A 66 -18.79 -39.60 -0.16
N GLU A 67 -17.80 -39.46 -1.04
CA GLU A 67 -16.64 -38.62 -0.76
C GLU A 67 -17.07 -37.21 -0.39
N SER A 68 -18.14 -36.75 -1.03
CA SER A 68 -18.65 -35.41 -0.74
C SER A 68 -19.17 -35.36 0.68
N LYS A 70 -18.48 -37.26 2.99
CA LYS A 70 -17.38 -37.57 3.89
C LYS A 70 -16.56 -36.32 4.17
N THR A 71 -16.23 -35.57 3.13
CA THR A 71 -15.36 -34.41 3.31
C THR A 71 -16.14 -33.22 3.89
N CYS A 73 -18.29 -33.62 6.11
CA CYS A 73 -18.16 -33.97 7.51
C CYS A 73 -16.80 -33.59 8.04
N LEU A 74 -15.76 -33.86 7.26
CA LEU A 74 -14.40 -33.56 7.71
C LEU A 74 -14.25 -32.08 7.98
N ASN A 75 -14.59 -31.25 7.00
CA ASN A 75 -14.45 -29.80 7.13
C ASN A 75 -15.27 -29.24 8.28
N GLY A 76 -16.44 -29.83 8.52
CA GLY A 76 -17.26 -29.44 9.65
C GLY A 76 -16.53 -29.72 10.94
N SER A 77 -15.94 -30.91 11.04
CA SER A 77 -15.19 -31.29 12.22
C SER A 77 -14.06 -30.32 12.53
N LEU A 78 -13.29 -29.96 11.51
CA LEU A 78 -12.16 -29.04 11.68
C LEU A 78 -12.64 -27.72 12.29
N VAL A 79 -13.61 -27.11 11.64
CA VAL A 79 -14.15 -25.83 12.08
C VAL A 79 -14.66 -25.91 13.51
N ALA A 80 -15.22 -27.06 13.88
CA ALA A 80 -15.78 -27.23 15.22
C ALA A 80 -14.74 -27.07 16.32
N THR A 81 -13.50 -27.43 16.02
CA THR A 81 -12.43 -27.27 17.01
C THR A 81 -11.62 -26.00 16.73
N HIS A 82 -11.49 -25.62 15.45
CA HIS A 82 -10.97 -24.28 15.12
C HIS A 82 -11.00 -23.88 13.64
N PRO A 83 -11.51 -22.67 13.36
CA PRO A 83 -11.61 -22.15 11.99
C PRO A 83 -10.29 -22.15 11.23
N TYR A 84 -9.18 -21.96 11.93
CA TYR A 84 -7.89 -21.95 11.27
C TYR A 84 -7.51 -23.32 10.70
N LEU A 85 -8.11 -24.37 11.23
CA LEU A 85 -7.86 -25.70 10.70
C LEU A 85 -8.40 -25.80 9.28
N LEU A 86 -9.27 -24.85 8.93
CA LEU A 86 -9.87 -24.85 7.60
C LEU A 86 -9.47 -23.67 6.74
N ILE A 87 -9.15 -22.53 7.37
CA ILE A 87 -8.84 -21.34 6.59
C ILE A 87 -7.65 -20.55 7.09
N ASP A 88 -6.50 -20.76 6.43
CA ASP A 88 -5.23 -20.11 6.78
C ASP A 88 -5.39 -18.61 6.91
N HIS A 89 -6.15 -18.05 5.99
CA HIS A 89 -6.39 -16.60 5.93
C HIS A 89 -6.29 -15.95 7.29
N TYR A 90 -5.36 -15.00 7.42
CA TYR A 90 -5.30 -14.14 8.61
C TYR A 90 -4.76 -14.79 9.86
N PRO A 92 -2.24 -15.57 12.41
CA PRO A 92 -1.00 -14.89 12.77
C PRO A 92 0.18 -15.68 12.23
N LYS A 93 1.19 -15.00 11.71
CA LYS A 93 2.38 -15.70 11.22
C LYS A 93 3.16 -16.28 12.39
N SER A 94 3.02 -15.67 13.56
CA SER A 94 3.61 -16.20 14.79
C SER A 94 2.52 -16.51 15.81
N LEU A 95 2.59 -17.69 16.42
CA LEU A 95 1.63 -18.11 17.42
C LEU A 95 2.15 -17.93 18.84
N ILE A 96 3.30 -17.27 18.96
CA ILE A 96 3.98 -17.13 20.25
C ILE A 96 3.66 -15.81 20.95
N THR A 97 3.39 -14.77 20.17
CA THR A 97 3.15 -13.45 20.71
C THR A 97 2.10 -13.48 21.83
N ARG A 98 2.14 -12.51 22.74
CA ARG A 98 1.34 -12.54 23.95
C ARG A 98 -0.15 -12.73 23.70
N ASP A 99 -0.66 -12.08 22.65
CA ASP A 99 -2.08 -11.95 22.43
C ASP A 99 -2.72 -13.19 21.81
N VAL A 100 -1.92 -14.05 21.19
CA VAL A 100 -2.45 -15.20 20.46
C VAL A 100 -3.41 -16.09 21.28
N PRO A 101 -2.98 -16.55 22.45
CA PRO A 101 -3.86 -17.40 23.25
C PRO A 101 -5.28 -16.87 23.34
N ALA A 102 -5.45 -15.59 23.65
CA ALA A 102 -6.78 -15.02 23.80
C ALA A 102 -7.52 -15.00 22.48
N HIS A 103 -6.79 -14.66 21.42
CA HIS A 103 -7.36 -14.60 20.08
C HIS A 103 -7.89 -15.96 19.61
N LEU A 104 -7.10 -17.00 19.84
CA LEU A 104 -7.52 -18.35 19.46
C LEU A 104 -8.79 -18.76 20.18
N ALA A 105 -8.85 -18.46 21.47
CA ALA A 105 -9.99 -18.84 22.32
C ALA A 105 -11.22 -18.08 21.91
N GLU A 106 -11.03 -16.82 21.53
CA GLU A 106 -12.13 -15.97 21.12
C GLU A 106 -12.78 -16.47 19.84
N ASN A 107 -12.12 -17.40 19.15
CA ASN A 107 -12.60 -17.85 17.84
C ASN A 107 -13.01 -19.31 17.75
N SER A 108 -12.95 -19.99 18.89
CA SER A 108 -13.40 -21.36 18.99
C SER A 108 -13.91 -21.61 20.40
N GLY A 109 -15.22 -21.74 20.53
CA GLY A 109 -15.82 -22.04 21.81
C GLY A 109 -15.13 -23.20 22.47
N LYS A 110 -14.70 -24.17 21.66
CA LYS A 110 -14.00 -25.33 22.21
C LYS A 110 -12.71 -24.92 22.92
N PHE A 111 -11.89 -24.15 22.22
CA PHE A 111 -10.67 -23.61 22.83
C PHE A 111 -10.98 -22.77 24.08
N SER A 112 -12.06 -22.02 24.03
CA SER A 112 -12.45 -21.18 25.15
C SER A 112 -12.80 -22.01 26.38
N VAL A 113 -13.51 -23.11 26.15
CA VAL A 113 -13.84 -24.05 27.22
C VAL A 113 -12.54 -24.64 27.76
N LEU A 114 -11.71 -25.16 26.86
CA LEU A 114 -10.43 -25.73 27.25
C LEU A 114 -9.68 -24.77 28.17
N ARG A 115 -9.37 -23.58 27.66
CA ARG A 115 -8.69 -22.55 28.44
C ARG A 115 -9.34 -22.35 29.81
N ASP A 116 -10.67 -22.27 29.85
CA ASP A 116 -11.37 -22.14 31.11
C ASP A 116 -11.03 -23.31 32.01
N LEU A 117 -11.08 -24.50 31.43
CA LEU A 117 -10.79 -25.75 32.14
C LEU A 117 -9.40 -25.70 32.74
N ILE A 118 -8.41 -25.50 31.86
CA ILE A 118 -7.01 -25.44 32.27
C ILE A 118 -6.72 -24.35 33.31
N ASN A 119 -7.46 -23.25 33.27
CA ASN A 119 -7.32 -22.21 34.28
C ASN A 119 -7.61 -22.75 35.69
N LEU A 120 -8.33 -23.86 35.75
CA LEU A 120 -8.64 -24.51 37.01
C LEU A 120 -7.60 -25.58 37.32
N VAL A 121 -7.40 -26.51 36.39
CA VAL A 121 -6.48 -27.63 36.63
C VAL A 121 -5.03 -27.18 36.83
N GLN A 122 -4.70 -25.98 36.36
CA GLN A 122 -3.34 -25.50 36.48
C GLN A 122 -2.98 -25.19 37.94
N GLU A 123 -3.99 -24.95 38.76
CA GLU A 123 -3.78 -24.65 40.18
C GLU A 123 -3.26 -25.87 40.94
N TYR A 124 -3.55 -27.05 40.41
CA TYR A 124 -3.19 -28.30 41.07
C TYR A 124 -1.83 -28.84 40.64
N GLU A 125 -1.28 -29.74 41.44
CA GLU A 125 -0.09 -30.47 41.03
C GLU A 125 -0.56 -31.70 40.29
N THR A 126 -0.51 -31.64 38.97
CA THR A 126 -1.08 -32.68 38.14
C THR A 126 -0.43 -32.75 36.77
N GLU A 127 -0.41 -33.95 36.20
CA GLU A 127 -0.06 -34.12 34.80
C GLU A 127 -1.39 -34.37 34.08
N THR A 128 -1.69 -33.55 33.08
CA THR A 128 -2.93 -33.75 32.33
C THR A 128 -2.62 -34.01 30.86
N ALA A 129 -3.23 -35.06 30.32
CA ALA A 129 -2.97 -35.46 28.95
C ALA A 129 -4.05 -34.93 28.02
N ILE A 130 -3.64 -34.61 26.79
CA ILE A 130 -4.57 -34.14 25.78
C ILE A 130 -4.21 -34.77 24.45
N VAL A 131 -5.18 -35.42 23.82
CA VAL A 131 -4.97 -36.04 22.52
C VAL A 131 -5.79 -35.32 21.45
N CYS A 132 -5.15 -35.02 20.34
CA CYS A 132 -5.81 -34.35 19.23
C CYS A 132 -5.10 -34.76 17.95
N ARG A 133 -5.70 -34.48 16.81
CA ARG A 133 -5.07 -34.88 15.56
C ARG A 133 -3.76 -34.13 15.42
N PRO A 134 -2.78 -34.75 14.77
CA PRO A 134 -1.45 -34.17 14.61
C PRO A 134 -1.52 -32.97 13.67
N GLY A 135 -0.39 -32.28 13.49
CA GLY A 135 -0.32 -31.18 12.56
C GLY A 135 -0.69 -29.84 13.17
N ARG A 136 -1.42 -29.04 12.41
CA ARG A 136 -1.78 -27.69 12.82
C ARG A 136 -2.60 -27.68 14.11
N THR A 137 -3.44 -28.69 14.30
CA THR A 137 -4.19 -28.82 15.54
C THR A 137 -3.22 -28.82 16.74
N ASP A 139 -0.20 -27.57 16.91
CA ASP A 139 0.41 -26.25 17.07
C ASP A 139 -0.56 -25.29 17.74
N LEU A 140 -1.77 -25.21 17.22
CA LEU A 140 -2.79 -24.33 17.78
C LEU A 140 -3.08 -24.69 19.24
N LEU A 141 -3.09 -25.98 19.53
CA LEU A 141 -3.27 -26.46 20.88
C LEU A 141 -2.17 -25.90 21.79
N GLU A 142 -0.94 -26.01 21.33
CA GLU A 142 0.20 -25.50 22.08
C GLU A 142 0.06 -23.99 22.26
N ALA A 143 -0.20 -23.29 21.17
CA ALA A 143 -0.32 -21.86 21.21
C ALA A 143 -1.34 -21.43 22.24
N LEU A 144 -2.47 -22.12 22.25
CA LEU A 144 -3.55 -21.82 23.18
C LEU A 144 -3.10 -22.01 24.61
N LEU A 145 -2.30 -23.04 24.83
CA LEU A 145 -1.85 -23.37 26.19
C LEU A 145 -0.79 -22.42 26.72
N LEU A 146 -0.11 -21.71 25.83
CA LEU A 146 0.91 -20.75 26.26
C LEU A 146 0.32 -19.63 27.10
N GLY A 147 -1.00 -19.48 27.05
CA GLY A 147 -1.67 -18.50 27.87
C GLY A 147 -2.04 -19.04 29.24
N ASN A 148 -1.45 -20.18 29.60
CA ASN A 148 -1.75 -20.84 30.88
C ASN A 148 -0.51 -21.09 31.74
N LYS A 149 -0.63 -20.85 33.04
CA LYS A 149 0.45 -21.10 33.99
C LYS A 149 0.71 -22.59 34.06
N VAL A 150 1.39 -23.12 33.05
CA VAL A 150 1.43 -24.56 32.82
C VAL A 150 2.61 -24.99 31.97
N HIS A 151 3.25 -26.09 32.37
CA HIS A 151 4.28 -26.73 31.55
C HIS A 151 3.63 -27.47 30.37
N ILE A 152 4.31 -27.49 29.23
CA ILE A 152 3.78 -28.12 28.05
C ILE A 152 4.79 -29.11 27.46
N LYS A 153 4.39 -30.37 27.37
CA LYS A 153 5.23 -31.38 26.74
C LYS A 153 4.56 -31.95 25.49
N ARG A 154 5.29 -31.96 24.37
CA ARG A 154 4.82 -32.64 23.17
C ARG A 154 5.62 -33.92 22.99
N TYR A 155 5.13 -34.80 22.13
CA TYR A 155 5.78 -36.10 21.91
C TYR A 155 5.97 -36.39 20.42
N ASP A 156 6.19 -35.33 19.65
CA ASP A 156 6.43 -35.45 18.22
C ASP A 156 7.75 -34.79 17.84
N GLY A 157 8.50 -34.35 18.85
CA GLY A 157 9.78 -33.70 18.63
C GLY A 157 9.65 -32.30 18.06
N HIS A 158 8.42 -31.88 17.82
CA HIS A 158 8.15 -30.53 17.34
C HIS A 158 7.69 -29.61 18.46
N SER A 159 7.61 -28.32 18.14
CA SER A 159 7.11 -27.33 19.08
C SER A 159 7.27 -25.96 18.45
N ILE A 160 6.58 -24.98 19.02
CA ILE A 160 6.64 -23.62 18.51
C ILE A 160 7.47 -22.73 19.44
N LYS A 161 7.92 -23.30 20.56
CA LYS A 161 8.73 -22.60 21.54
C LYS A 161 9.99 -23.36 21.96
N SER A 162 10.60 -24.15 21.09
CA SER A 162 11.76 -24.96 21.51
C SER A 162 12.06 -24.81 23.03
N ALA A 163 12.57 -23.63 23.41
CA ALA A 163 12.89 -23.29 24.82
C ALA A 163 11.92 -23.79 25.90
N ALA A 164 12.48 -24.18 27.05
CA ALA A 164 11.71 -24.73 28.16
C ALA A 164 11.42 -23.69 29.25
N ALA A 165 10.29 -23.86 29.93
CA ALA A 165 9.82 -22.92 30.94
C ALA A 165 10.76 -22.82 32.13
N ALA A 166 11.52 -21.72 32.18
CA ALA A 166 12.37 -21.43 33.32
C ALA A 166 11.51 -21.39 34.58
N ASN A 167 10.19 -21.40 34.39
CA ASN A 167 9.28 -21.25 35.52
C ASN A 167 8.99 -22.53 36.27
N ASP A 168 8.17 -22.36 37.29
CA ASP A 168 7.82 -23.42 38.21
C ASP A 168 6.31 -23.59 38.23
N PHE A 169 5.82 -24.62 37.55
CA PHE A 169 4.38 -24.85 37.45
C PHE A 169 3.96 -26.20 38.04
N SER A 170 2.92 -26.17 38.86
CA SER A 170 2.40 -27.40 39.45
C SER A 170 1.80 -28.29 38.36
N CYS A 171 1.22 -27.65 37.35
CA CYS A 171 0.54 -28.41 36.30
C CYS A 171 1.35 -28.53 35.01
N THR A 172 1.44 -29.76 34.51
CA THR A 172 2.04 -30.01 33.21
C THR A 172 1.01 -30.63 32.28
N VAL A 173 0.98 -30.15 31.04
CA VAL A 173 0.03 -30.66 30.05
C VAL A 173 0.77 -31.35 28.90
N HIS A 174 0.43 -32.61 28.68
CA HIS A 174 1.09 -33.43 27.68
C HIS A 174 0.22 -33.57 26.43
N LEU A 175 0.77 -33.17 25.28
CA LEU A 175 0.00 -33.16 24.03
C LEU A 175 0.36 -34.33 23.14
N PHE A 176 -0.57 -35.26 22.97
CA PHE A 176 -0.32 -36.45 22.17
C PHE A 176 -1.10 -36.45 20.87
N SER A 177 -0.51 -37.02 19.82
CA SER A 177 -1.22 -37.25 18.57
C SER A 177 -2.20 -38.41 18.72
N SER A 178 -3.35 -38.28 18.08
CA SER A 178 -4.34 -39.34 18.09
C SER A 178 -3.98 -40.40 17.06
N GLU A 179 -3.05 -40.04 16.17
CA GLU A 179 -2.68 -40.88 15.04
C GLU A 179 -1.25 -41.37 15.13
N GLY A 180 -0.95 -42.20 16.13
CA GLY A 180 0.38 -42.78 16.29
C GLY A 180 1.35 -41.87 17.04
N ILE A 181 1.97 -42.39 18.09
CA ILE A 181 2.77 -41.56 18.98
C ILE A 181 4.29 -41.74 18.93
N ASN A 182 4.77 -42.96 19.22
CA ASN A 182 6.21 -43.27 19.21
C ASN A 182 6.88 -42.99 20.55
N PHE A 183 6.54 -43.80 21.54
CA PHE A 183 7.02 -43.60 22.91
C PHE A 183 8.46 -44.03 23.12
N THR A 184 9.09 -44.60 22.10
CA THR A 184 10.47 -45.06 22.23
C THR A 184 11.47 -43.93 21.94
N LYS A 185 11.15 -43.07 20.98
CA LYS A 185 11.97 -41.88 20.73
C LYS A 185 11.56 -40.76 21.68
N TYR A 186 10.32 -40.82 22.15
CA TYR A 186 9.79 -39.81 23.07
C TYR A 186 9.02 -40.48 24.18
N PRO A 187 9.70 -40.83 25.28
CA PRO A 187 9.09 -41.55 26.40
C PRO A 187 8.42 -40.61 27.39
N ILE A 188 7.54 -41.15 28.22
CA ILE A 188 6.88 -40.36 29.25
C ILE A 188 7.81 -40.15 30.45
N LYS A 189 8.60 -39.10 30.40
CA LYS A 189 9.53 -38.77 31.49
C LYS A 189 8.76 -38.31 32.75
N SER A 190 7.43 -38.37 32.68
CA SER A 190 6.55 -37.82 33.72
C SER A 190 6.86 -38.27 35.15
N LYS A 191 6.88 -39.58 35.38
CA LYS A 191 7.05 -40.12 36.72
C LYS A 191 5.81 -39.95 37.60
N ALA A 192 4.65 -39.85 36.97
CA ALA A 192 3.38 -39.75 37.69
C ALA A 192 2.19 -39.98 36.76
N ARG A 193 1.07 -40.39 37.34
CA ARG A 193 -0.15 -40.70 36.59
C ARG A 193 -0.76 -39.46 35.94
N PHE A 194 -1.46 -39.66 34.83
CA PHE A 194 -2.27 -38.62 34.24
C PHE A 194 -3.60 -38.56 34.98
N ASP A 195 -3.85 -37.46 35.68
CA ASP A 195 -5.06 -37.32 36.48
C ASP A 195 -6.31 -37.15 35.61
N LEU A 197 -7.51 -37.35 31.01
CA LEU A 197 -7.18 -37.32 29.59
C LEU A 197 -8.26 -36.61 28.78
N ILE A 198 -7.85 -35.63 27.96
CA ILE A 198 -8.81 -34.80 27.25
C ILE A 198 -8.81 -35.06 25.74
N CYS A 199 -9.99 -35.34 25.19
CA CYS A 199 -10.14 -35.51 23.75
C CYS A 199 -10.53 -34.20 23.08
N LEU A 200 -9.64 -33.67 22.26
CA LEU A 200 -9.90 -32.41 21.59
C LEU A 200 -10.71 -32.60 20.31
N ASP A 201 -10.18 -33.41 19.38
CA ASP A 201 -10.90 -33.75 18.16
C ASP A 201 -11.79 -34.95 18.42
N THR A 202 -12.46 -35.39 17.36
CA THR A 202 -13.13 -36.68 17.32
C THR A 202 -12.20 -37.65 16.64
N THR A 203 -11.00 -37.19 16.34
CA THR A 203 -9.97 -37.99 15.71
C THR A 203 -9.43 -38.99 16.74
N VAL A 204 -9.74 -38.75 18.01
CA VAL A 204 -9.24 -39.58 19.10
C VAL A 204 -10.04 -40.87 19.31
N ASP A 205 -9.36 -42.00 19.13
CA ASP A 205 -9.92 -43.31 19.44
C ASP A 205 -9.35 -43.81 20.77
N THR A 206 -10.12 -43.67 21.84
CA THR A 206 -9.65 -44.09 23.16
C THR A 206 -9.47 -45.61 23.28
N SER A 207 -10.00 -46.35 22.31
CA SER A 207 -9.89 -47.80 22.34
C SER A 207 -8.49 -48.24 21.91
N GLN A 208 -7.87 -47.50 20.99
CA GLN A 208 -6.54 -47.83 20.49
C GLN A 208 -5.55 -48.10 21.62
N LYS A 209 -4.46 -48.80 21.32
CA LYS A 209 -3.51 -49.21 22.34
C LYS A 209 -2.74 -48.05 22.95
N ASP A 210 -2.19 -47.19 22.09
CA ASP A 210 -1.40 -46.06 22.59
C ASP A 210 -2.19 -45.18 23.56
N ILE A 211 -3.48 -45.02 23.30
CA ILE A 211 -4.33 -44.23 24.20
C ILE A 211 -4.70 -45.02 25.46
N GLN A 212 -4.86 -46.33 25.32
CA GLN A 212 -5.10 -47.20 26.47
C GLN A 212 -3.88 -47.24 27.38
N TYR A 213 -2.70 -47.19 26.76
CA TYR A 213 -1.45 -47.10 27.52
C TYR A 213 -1.46 -45.85 28.39
N LEU A 214 -1.81 -44.72 27.78
CA LEU A 214 -1.85 -43.45 28.49
C LEU A 214 -2.79 -43.48 29.70
N LEU A 215 -4.00 -43.97 29.50
CA LEU A 215 -5.02 -43.96 30.56
C LEU A 215 -4.59 -44.80 31.77
N GLN A 216 -3.91 -45.91 31.50
CA GLN A 216 -3.37 -46.75 32.56
C GLN A 216 -1.88 -46.46 32.72
N TYR A 217 -1.56 -45.53 33.62
CA TYR A 217 -0.19 -45.15 33.83
C TYR A 217 0.12 -45.24 35.33
N LYS A 218 -0.79 -45.89 36.05
CA LYS A 218 -0.61 -46.18 37.47
C LYS A 218 -1.88 -46.80 38.07
N GLU A 225 -8.56 -45.08 40.19
CA GLU A 225 -8.56 -46.48 39.75
C GLU A 225 -7.77 -46.74 38.47
N ARG A 226 -7.99 -47.91 37.87
CA ARG A 226 -7.15 -48.39 36.78
C ARG A 226 -7.03 -47.41 35.62
N TYR A 227 -8.11 -46.68 35.35
CA TYR A 227 -8.16 -45.82 34.17
C TYR A 227 -8.31 -44.32 34.50
N ALA A 228 -7.56 -43.49 33.77
CA ALA A 228 -7.71 -42.04 33.88
C ALA A 228 -9.06 -41.62 33.33
N PRO A 229 -9.69 -40.63 33.96
CA PRO A 229 -10.98 -40.19 33.43
C PRO A 229 -10.80 -39.61 32.04
N ILE A 230 -11.70 -39.95 31.14
CA ILE A 230 -11.73 -39.34 29.82
C ILE A 230 -12.75 -38.22 29.83
N VAL A 231 -12.36 -37.04 29.38
CA VAL A 231 -13.33 -35.98 29.15
C VAL A 231 -13.19 -35.43 27.74
N ARG A 232 -14.28 -35.49 27.00
CA ARG A 232 -14.26 -35.18 25.57
C ARG A 232 -14.92 -33.84 25.29
N LEU A 233 -14.18 -32.93 24.65
CA LEU A 233 -14.71 -31.62 24.31
C LEU A 233 -15.55 -31.72 23.04
N VAL A 234 -16.82 -31.35 23.15
CA VAL A 234 -17.76 -31.53 22.05
C VAL A 234 -18.63 -30.29 21.83
N ALA A 235 -18.64 -29.77 20.62
CA ALA A 235 -19.51 -28.64 20.30
C ALA A 235 -20.97 -29.13 20.12
N ILE A 236 -21.90 -28.60 20.91
CA ILE A 236 -23.29 -29.10 20.84
C ILE A 236 -23.86 -29.02 19.43
N ASN A 237 -24.62 -30.05 19.06
CA ASN A 237 -25.35 -30.05 17.80
C ASN A 237 -24.41 -29.83 16.63
N SER A 238 -23.13 -30.03 16.87
CA SER A 238 -22.13 -29.96 15.81
C SER A 238 -21.83 -31.36 15.33
N ILE A 239 -21.10 -31.46 14.23
CA ILE A 239 -20.65 -32.77 13.76
C ILE A 239 -20.05 -33.55 14.92
N ASP A 240 -19.30 -32.86 15.78
CA ASP A 240 -18.71 -33.47 16.97
C ASP A 240 -19.73 -34.26 17.75
N HIS A 241 -20.85 -33.62 18.07
CA HIS A 241 -21.95 -34.24 18.78
C HIS A 241 -22.46 -35.47 18.03
N CYS A 242 -22.74 -35.27 16.75
CA CYS A 242 -23.21 -36.35 15.87
C CYS A 242 -22.30 -37.58 15.88
N ARG A 243 -21.01 -37.38 15.61
CA ARG A 243 -20.07 -38.49 15.52
C ARG A 243 -19.99 -39.28 16.83
N LEU A 244 -20.14 -38.56 17.94
CA LEU A 244 -19.93 -39.13 19.26
C LEU A 244 -21.10 -39.98 19.70
N PHE A 245 -22.30 -39.51 19.38
CA PHE A 245 -23.52 -40.16 19.83
C PHE A 245 -23.93 -41.32 18.93
N PHE A 246 -24.04 -41.07 17.62
CA PHE A 246 -24.38 -42.14 16.69
C PHE A 246 -23.27 -43.19 16.71
N GLY A 247 -22.08 -42.77 17.13
CA GLY A 247 -20.94 -43.65 17.16
C GLY A 247 -21.14 -44.83 18.08
N LYS A 248 -21.90 -44.62 19.14
CA LYS A 248 -22.20 -45.69 20.09
C LYS A 248 -23.52 -46.37 19.75
N LYS A 249 -23.85 -46.39 18.46
CA LYS A 249 -25.17 -46.84 18.04
C LYS A 249 -25.19 -47.39 16.62
N PHE A 250 -24.08 -47.21 15.88
CA PHE A 250 -23.99 -47.73 14.52
C PHE A 250 -22.56 -48.07 14.15
N ASP A 251 -21.63 -47.47 14.88
CA ASP A 251 -20.23 -47.85 14.78
C ASP A 251 -19.63 -47.80 13.39
N LYS A 252 -18.31 -47.85 13.35
CA LYS A 252 -17.56 -48.11 12.14
C LYS A 252 -17.97 -47.22 10.98
N ASN A 253 -17.93 -47.80 9.77
CA ASN A 253 -18.23 -47.10 8.55
C ASN A 253 -19.51 -47.63 7.93
N SER A 254 -20.48 -47.92 8.79
CA SER A 254 -21.78 -48.38 8.32
C SER A 254 -22.46 -47.30 7.48
N ARG A 255 -23.38 -47.72 6.63
CA ARG A 255 -24.19 -46.78 5.88
C ARG A 255 -24.98 -45.94 6.88
N GLU A 256 -25.52 -46.61 7.90
CA GLU A 256 -26.41 -45.96 8.86
C GLU A 256 -25.71 -44.90 9.69
N TYR A 257 -24.43 -45.10 9.96
CA TYR A 257 -23.64 -44.10 10.65
C TYR A 257 -23.57 -42.81 9.84
N LEU A 258 -22.98 -42.90 8.65
CA LEU A 258 -22.87 -41.74 7.77
C LEU A 258 -24.23 -41.07 7.51
N GLU A 259 -25.27 -41.87 7.31
CA GLU A 259 -26.59 -41.30 7.06
C GLU A 259 -27.11 -40.48 8.25
N ASN A 260 -27.09 -41.07 9.44
CA ASN A 260 -27.58 -40.37 10.62
C ASN A 260 -26.70 -39.19 10.98
N VAL A 261 -25.39 -39.36 10.81
CA VAL A 261 -24.43 -38.31 11.12
C VAL A 261 -24.54 -37.11 10.18
N THR A 262 -24.58 -37.35 8.88
CA THR A 262 -24.70 -36.26 7.92
C THR A 262 -26.04 -35.54 8.05
N ALA A 263 -27.12 -36.31 8.15
CA ALA A 263 -28.44 -35.72 8.27
C ALA A 263 -28.50 -34.82 9.50
N ALA A 264 -27.90 -35.29 10.59
CA ALA A 264 -27.93 -34.52 11.81
C ALA A 264 -27.11 -33.24 11.68
N VAL A 266 -26.42 -31.53 9.16
CA VAL A 266 -27.09 -30.59 8.27
C VAL A 266 -28.31 -29.96 8.93
N ILE A 267 -29.08 -30.77 9.65
CA ILE A 267 -30.32 -30.30 10.24
C ILE A 267 -30.08 -29.49 11.51
N LEU A 268 -29.07 -29.90 12.28
CA LEU A 268 -28.77 -29.23 13.54
C LEU A 268 -28.06 -27.90 13.31
N ARG A 269 -27.54 -27.75 12.10
CA ARG A 269 -26.92 -26.50 11.64
C ARG A 269 -27.52 -25.20 12.22
N ASP A 270 -28.81 -25.20 12.54
CA ASP A 270 -29.47 -24.00 13.05
C ASP A 270 -29.29 -23.78 14.57
N ARG A 271 -29.17 -24.88 15.32
CA ARG A 271 -29.04 -24.82 16.77
C ARG A 271 -27.59 -25.04 17.16
N LEU A 272 -26.75 -25.16 16.14
CA LEU A 272 -25.30 -25.37 16.29
C LEU A 272 -24.69 -24.57 17.45
N GLY A 273 -24.06 -25.28 18.36
CA GLY A 273 -23.22 -24.65 19.37
C GLY A 273 -23.86 -23.68 20.35
N THR A 274 -25.11 -23.92 20.71
CA THR A 274 -25.68 -23.19 21.84
C THR A 274 -26.05 -24.13 22.95
N LEU A 275 -25.49 -23.85 24.13
CA LEU A 275 -25.77 -24.62 25.33
C LEU A 275 -27.22 -24.41 25.77
N PRO A 276 -27.81 -25.42 26.42
CA PRO A 276 -29.19 -25.27 26.91
C PRO A 276 -29.20 -24.27 28.06
N PRO A 277 -30.36 -23.65 28.30
CA PRO A 277 -30.50 -22.67 29.37
C PRO A 277 -29.98 -23.20 30.70
N ASP A 278 -30.28 -24.45 31.03
CA ASP A 278 -29.78 -25.07 32.27
C ASP A 278 -28.26 -24.99 32.37
N LEU A 279 -27.59 -25.30 31.28
CA LEU A 279 -26.14 -25.49 31.28
C LEU A 279 -25.36 -24.18 31.26
N ARG A 280 -25.98 -23.10 30.78
CA ARG A 280 -25.27 -21.85 30.53
C ARG A 280 -24.51 -21.28 31.74
N PRO A 281 -25.19 -21.15 32.89
CA PRO A 281 -24.53 -20.52 34.04
C PRO A 281 -23.22 -21.21 34.41
N ILE A 282 -23.18 -22.54 34.34
CA ILE A 282 -21.96 -23.28 34.63
C ILE A 282 -20.81 -22.75 33.79
N TYR A 283 -21.08 -22.54 32.51
CA TYR A 283 -20.07 -22.04 31.56
C TYR A 283 -19.79 -20.56 31.73
N SER A 284 -20.86 -19.77 31.93
CA SER A 284 -20.74 -18.36 32.25
C SER A 284 -19.90 -18.17 33.52
N GLN A 285 -20.03 -19.12 34.45
CA GLN A 285 -19.31 -19.08 35.71
C GLN A 285 -17.90 -19.62 35.52
N LYS A 286 -17.48 -19.68 34.27
CA LYS A 286 -16.12 -20.10 33.93
C LYS A 286 -15.80 -21.49 34.49
N LEU A 287 -16.84 -22.30 34.65
CA LEU A 287 -16.68 -23.73 34.92
C LEU A 287 -16.23 -24.11 36.32
N HIS A 288 -16.41 -23.21 37.28
CA HIS A 288 -16.03 -23.54 38.66
C HIS A 288 -16.85 -24.70 39.16
N TYR A 289 -18.03 -24.88 38.60
CA TYR A 289 -18.90 -26.02 38.92
C TYR A 289 -18.15 -27.35 38.91
N LEU A 290 -16.97 -27.39 38.29
CA LEU A 290 -16.26 -28.65 38.12
C LEU A 290 -15.14 -28.87 39.14
N VAL A 291 -14.98 -27.94 40.06
CA VAL A 291 -13.87 -28.05 41.01
C VAL A 291 -13.96 -29.31 41.88
N GLU A 292 -15.15 -29.57 42.42
CA GLU A 292 -15.34 -30.77 43.22
C GLU A 292 -14.85 -32.00 42.46
N TRP A 293 -15.37 -32.22 41.26
CA TRP A 293 -14.96 -33.38 40.48
C TRP A 293 -13.47 -33.38 40.16
N LEU A 294 -12.87 -32.21 40.07
CA LEU A 294 -11.46 -32.09 39.73
C LEU A 294 -10.60 -32.59 40.88
N GLU A 295 -11.11 -32.45 42.09
CA GLU A 295 -10.37 -32.82 43.29
C GLU A 295 -10.65 -34.25 43.71
N ASN A 296 -11.86 -34.74 43.42
CA ASN A 296 -12.21 -36.13 43.64
C ASN A 296 -12.72 -36.76 42.34
N PRO A 297 -11.79 -37.20 41.47
CA PRO A 297 -12.15 -37.76 40.16
C PRO A 297 -12.97 -39.03 40.27
N THR A 298 -13.37 -39.38 41.49
CA THR A 298 -14.21 -40.54 41.73
C THR A 298 -15.68 -40.15 41.81
N VAL A 299 -15.93 -38.90 42.20
CA VAL A 299 -17.29 -38.37 42.25
C VAL A 299 -17.91 -38.42 40.86
N PRO A 300 -19.24 -38.54 40.78
CA PRO A 300 -19.90 -38.57 39.46
C PRO A 300 -19.68 -37.30 38.67
N TRP A 301 -19.55 -37.43 37.36
CA TRP A 301 -19.47 -36.27 36.48
C TRP A 301 -20.70 -35.39 36.70
N PRO A 302 -20.49 -34.11 37.02
CA PRO A 302 -21.55 -33.18 37.41
C PRO A 302 -22.50 -32.79 36.27
N LEU A 303 -22.06 -32.97 35.03
CA LEU A 303 -22.85 -32.56 33.87
C LEU A 303 -23.69 -33.71 33.33
N PRO A 304 -24.80 -33.38 32.64
CA PRO A 304 -25.68 -34.40 32.09
C PRO A 304 -24.93 -35.26 31.07
N ASP A 305 -25.42 -36.46 30.80
CA ASP A 305 -24.82 -37.28 29.77
C ASP A 305 -25.10 -36.68 28.41
N ILE A 306 -24.25 -37.01 27.45
CA ILE A 306 -24.40 -36.55 26.07
C ILE A 306 -25.86 -36.58 25.63
N TYR A 307 -26.43 -35.41 25.37
CA TYR A 307 -27.81 -35.30 24.90
C TYR A 307 -28.00 -36.13 23.65
N PRO A 308 -29.10 -36.90 23.58
CA PRO A 308 -29.33 -37.76 22.42
C PRO A 308 -29.78 -36.93 21.22
N LEU A 309 -29.55 -37.46 20.03
CA LEU A 309 -29.95 -36.79 18.80
C LEU A 309 -30.94 -37.66 18.05
N LYS A 310 -31.94 -37.05 17.44
CA LYS A 310 -32.95 -37.77 16.70
C LYS A 310 -32.37 -38.40 15.44
N GLN A 311 -32.91 -39.55 15.05
CA GLN A 311 -32.57 -40.12 13.75
C GLN A 311 -33.41 -39.44 12.69
N TYR A 312 -32.78 -38.58 11.90
CA TYR A 312 -33.52 -37.78 10.93
C TYR A 312 -33.74 -38.52 9.64
N THR A 313 -34.81 -38.15 8.94
CA THR A 313 -35.26 -38.84 7.74
C THR A 313 -34.82 -38.09 6.50
N SER A 314 -34.69 -38.81 5.39
CA SER A 314 -34.48 -38.17 4.09
C SER A 314 -35.45 -37.00 3.95
N ASP A 316 -36.56 -35.02 6.58
CA ASP A 316 -36.17 -33.93 7.44
C ASP A 316 -35.05 -33.09 6.84
N VAL A 317 -34.14 -33.77 6.14
CA VAL A 317 -33.03 -33.11 5.48
C VAL A 317 -33.49 -32.22 4.33
N GLU A 318 -34.44 -32.72 3.55
CA GLU A 318 -35.07 -31.90 2.51
C GLU A 318 -35.70 -30.64 3.10
N ARG A 319 -36.51 -30.82 4.14
CA ARG A 319 -37.22 -29.72 4.74
C ARG A 319 -36.21 -28.70 5.26
N SER A 320 -35.13 -29.20 5.85
CA SER A 320 -34.07 -28.36 6.41
C SER A 320 -33.40 -27.54 5.31
N LEU A 321 -33.04 -28.22 4.21
CA LEU A 321 -32.32 -27.57 3.12
C LEU A 321 -33.16 -26.56 2.33
N LEU A 322 -34.48 -26.69 2.38
CA LEU A 322 -35.36 -25.76 1.68
C LEU A 322 -35.19 -24.32 2.13
N THR A 323 -35.38 -24.06 3.42
CA THR A 323 -35.25 -22.72 3.97
C THR A 323 -34.00 -22.02 3.43
N GLU A 324 -33.11 -22.80 2.85
CA GLU A 324 -31.97 -22.28 2.07
C GLU A 324 -32.45 -21.75 0.70
N VAL A 325 -33.18 -22.60 -0.03
CA VAL A 325 -33.71 -22.27 -1.35
C VAL A 325 -34.68 -21.08 -1.41
N HIS A 326 -34.41 -20.17 -2.35
CA HIS A 326 -35.34 -19.09 -2.67
C HIS A 326 -35.43 -18.91 -4.18
N THR B 22 -6.88 20.28 18.95
CA THR B 22 -7.17 20.01 17.55
C THR B 22 -8.57 20.56 17.20
N SER B 23 -9.17 20.00 16.17
CA SER B 23 -10.29 20.63 15.45
C SER B 23 -11.70 20.38 15.99
N GLY B 24 -11.82 19.64 17.09
CA GLY B 24 -13.13 19.24 17.56
C GLY B 24 -13.79 18.27 16.60
N ASP B 25 -12.96 17.57 15.82
CA ASP B 25 -13.42 16.55 14.90
C ASP B 25 -12.36 15.48 14.75
N TYR B 26 -12.42 14.47 15.62
CA TYR B 26 -11.36 13.49 15.73
C TYR B 26 -11.83 12.11 15.33
N TRP B 27 -10.87 11.24 15.00
CA TRP B 27 -11.19 9.86 14.71
C TRP B 27 -10.75 8.98 15.87
N LEU B 28 -11.46 7.87 16.04
CA LEU B 28 -11.10 6.86 17.01
C LEU B 28 -11.04 5.51 16.30
N PRO B 29 -9.84 5.11 15.87
CA PRO B 29 -9.68 3.86 15.13
C PRO B 29 -10.18 2.67 15.94
N THR B 30 -10.73 1.67 15.26
CA THR B 30 -11.17 0.44 15.90
C THR B 30 -10.70 -0.74 15.10
N THR B 31 -10.53 -1.87 15.75
CA THR B 31 -10.04 -3.07 15.08
C THR B 31 -11.16 -3.78 14.34
N SER B 33 -12.75 -7.88 14.06
CA SER B 33 -12.73 -9.29 14.45
C SER B 33 -12.33 -10.16 13.27
N LEU B 34 -11.81 -11.35 13.55
CA LEU B 34 -11.42 -12.27 12.49
C LEU B 34 -12.57 -12.45 11.52
N TYR B 35 -13.77 -12.59 12.06
CA TYR B 35 -14.96 -12.81 11.25
C TYR B 35 -15.25 -11.59 10.37
N GLN B 36 -15.12 -10.40 10.94
CA GLN B 36 -15.32 -9.20 10.16
C GLN B 36 -14.31 -9.12 9.02
N LYS B 37 -13.08 -9.55 9.30
CA LYS B 37 -12.06 -9.55 8.26
C LYS B 37 -12.44 -10.49 7.13
N GLU B 38 -12.63 -11.77 7.45
CA GLU B 38 -12.88 -12.76 6.39
C GLU B 38 -14.20 -12.47 5.67
N LEU B 39 -15.14 -11.81 6.34
CA LEU B 39 -16.37 -11.38 5.68
C LEU B 39 -16.05 -10.39 4.57
N THR B 40 -15.33 -9.33 4.93
CA THR B 40 -14.93 -8.33 3.94
C THR B 40 -14.18 -9.00 2.79
N ASP B 41 -13.22 -9.85 3.14
CA ASP B 41 -12.44 -10.61 2.17
C ASP B 41 -13.35 -11.37 1.20
N GLN B 42 -14.43 -11.94 1.74
CA GLN B 42 -15.40 -12.63 0.90
C GLN B 42 -16.13 -11.64 0.01
N ILE B 43 -16.61 -10.55 0.61
CA ILE B 43 -17.32 -9.54 -0.15
C ILE B 43 -16.50 -9.12 -1.36
N VAL B 44 -15.20 -8.95 -1.17
CA VAL B 44 -14.31 -8.58 -2.25
C VAL B 44 -14.22 -9.69 -3.31
N SER B 45 -13.95 -10.91 -2.88
CA SER B 45 -13.90 -12.04 -3.82
C SER B 45 -15.18 -12.12 -4.66
N LEU B 46 -16.30 -11.78 -4.05
CA LEU B 46 -17.59 -11.81 -4.74
C LEU B 46 -17.58 -10.87 -5.95
N HIS B 47 -17.20 -9.62 -5.72
CA HIS B 47 -17.16 -8.62 -6.79
C HIS B 47 -15.84 -8.67 -7.56
N TYR B 48 -15.13 -9.79 -7.43
CA TYR B 48 -13.82 -9.92 -8.07
C TYR B 48 -13.81 -9.43 -9.50
N SER B 49 -14.59 -10.08 -10.36
CA SER B 49 -14.60 -9.74 -11.78
C SER B 49 -15.10 -8.30 -12.00
N ASP B 50 -16.17 -7.93 -11.32
CA ASP B 50 -16.71 -6.60 -11.43
C ASP B 50 -15.66 -5.54 -11.12
N ILE B 51 -14.79 -5.83 -10.15
CA ILE B 51 -13.72 -4.89 -9.79
C ILE B 51 -12.75 -4.68 -10.95
N LEU B 52 -12.20 -5.79 -11.45
CA LEU B 52 -11.27 -5.72 -12.57
C LEU B 52 -11.88 -4.96 -13.74
N ARG B 53 -13.17 -5.18 -13.97
CA ARG B 53 -13.89 -4.48 -15.00
C ARG B 53 -13.87 -2.97 -14.75
N TYR B 54 -14.31 -2.58 -13.56
CA TYR B 54 -14.45 -1.17 -13.19
C TYR B 54 -13.13 -0.40 -13.36
N PHE B 55 -12.02 -1.13 -13.31
CA PHE B 55 -10.71 -0.49 -13.41
C PHE B 55 -10.11 -0.61 -14.80
N GLU B 56 -10.50 -1.64 -15.53
CA GLU B 56 -10.02 -1.86 -16.89
C GLU B 56 -10.55 -0.77 -17.83
N THR B 57 -11.81 -0.90 -18.22
CA THR B 57 -12.47 0.11 -19.06
C THR B 57 -12.70 1.39 -18.26
N SER B 58 -11.62 2.08 -17.93
CA SER B 58 -11.69 3.26 -17.08
C SER B 58 -12.41 4.42 -17.77
N HIS B 59 -13.03 5.27 -16.95
CA HIS B 59 -13.81 6.41 -17.42
C HIS B 59 -15.10 6.03 -18.17
N TYR B 60 -14.99 5.08 -19.10
CA TYR B 60 -16.18 4.61 -19.80
C TYR B 60 -17.24 4.21 -18.78
N LYS B 61 -16.88 3.28 -17.91
CA LYS B 61 -17.71 2.87 -16.77
C LYS B 61 -19.20 2.64 -17.09
N GLU B 62 -19.62 1.39 -16.95
CA GLU B 62 -21.01 1.03 -17.18
C GLU B 62 -21.81 1.02 -15.88
N ASP B 63 -23.11 1.26 -15.98
CA ASP B 63 -23.96 1.45 -14.80
C ASP B 63 -24.03 0.22 -13.89
N VAL B 64 -24.17 -0.96 -14.50
CA VAL B 64 -24.18 -2.21 -13.72
C VAL B 64 -22.95 -2.30 -12.83
N ILE B 65 -21.79 -2.03 -13.41
CA ILE B 65 -20.53 -2.11 -12.69
C ILE B 65 -20.46 -1.06 -11.56
N LEU B 66 -20.90 0.16 -11.84
CA LEU B 66 -20.98 1.18 -10.82
C LEU B 66 -21.79 0.70 -9.62
N GLU B 67 -23.00 0.23 -9.87
CA GLU B 67 -23.84 -0.31 -8.81
C GLU B 67 -23.14 -1.43 -8.05
N SER B 68 -22.32 -2.20 -8.77
CA SER B 68 -21.55 -3.26 -8.13
C SER B 68 -20.54 -2.66 -7.16
N LYS B 70 -20.56 0.14 -5.90
CA LYS B 70 -21.29 0.89 -4.91
C LYS B 70 -21.78 -0.02 -3.79
N THR B 71 -22.38 -1.15 -4.15
CA THR B 71 -22.92 -2.04 -3.13
C THR B 71 -21.85 -2.87 -2.43
N CYS B 73 -19.08 -1.60 -1.69
CA CYS B 73 -18.74 -0.61 -0.68
C CYS B 73 -19.75 -0.61 0.46
N LEU B 74 -21.04 -0.66 0.13
CA LEU B 74 -22.06 -0.64 1.15
C LEU B 74 -21.91 -1.83 2.10
N ASN B 75 -21.86 -3.03 1.54
CA ASN B 75 -21.74 -4.22 2.36
C ASN B 75 -20.49 -4.24 3.23
N GLY B 76 -19.39 -3.71 2.70
CA GLY B 76 -18.18 -3.58 3.48
C GLY B 76 -18.39 -2.65 4.67
N SER B 77 -19.08 -1.55 4.42
CA SER B 77 -19.38 -0.59 5.47
C SER B 77 -20.17 -1.20 6.62
N LEU B 78 -21.20 -1.97 6.27
CA LEU B 78 -22.03 -2.64 7.28
C LEU B 78 -21.19 -3.55 8.16
N VAL B 79 -20.44 -4.44 7.52
CA VAL B 79 -19.60 -5.40 8.24
C VAL B 79 -18.64 -4.69 9.17
N ALA B 80 -18.13 -3.54 8.72
CA ALA B 80 -17.14 -2.80 9.49
C ALA B 80 -17.68 -2.36 10.84
N THR B 81 -18.98 -2.12 10.92
CA THR B 81 -19.56 -1.73 12.20
C THR B 81 -20.25 -2.93 12.85
N HIS B 82 -20.79 -3.84 12.05
CA HIS B 82 -21.20 -5.14 12.61
C HIS B 82 -21.66 -6.18 11.60
N PRO B 83 -21.14 -7.42 11.72
CA PRO B 83 -21.49 -8.53 10.82
C PRO B 83 -22.99 -8.80 10.77
N TYR B 84 -23.71 -8.56 11.86
CA TYR B 84 -25.14 -8.80 11.86
C TYR B 84 -25.90 -7.86 10.91
N LEU B 85 -25.33 -6.70 10.63
CA LEU B 85 -25.93 -5.78 9.67
C LEU B 85 -25.96 -6.40 8.28
N LEU B 86 -25.18 -7.45 8.07
CA LEU B 86 -25.11 -8.09 6.78
C LEU B 86 -25.61 -9.53 6.79
N ILE B 87 -25.51 -10.20 7.92
CA ILE B 87 -25.94 -11.61 7.97
C ILE B 87 -26.75 -11.98 9.21
N ASP B 88 -28.07 -12.05 9.04
CA ASP B 88 -29.02 -12.37 10.10
C ASP B 88 -28.65 -13.66 10.81
N HIS B 89 -28.25 -14.65 10.03
CA HIS B 89 -27.82 -15.95 10.56
C HIS B 89 -27.30 -15.87 11.99
N TYR B 90 -27.97 -16.57 12.89
CA TYR B 90 -27.47 -16.79 14.24
C TYR B 90 -27.58 -15.58 15.16
N PRO B 92 -29.04 -13.56 17.83
CA PRO B 92 -29.95 -13.93 18.91
C PRO B 92 -31.34 -13.41 18.59
N LYS B 93 -32.37 -14.19 18.88
CA LYS B 93 -33.73 -13.73 18.64
C LYS B 93 -34.10 -12.62 19.62
N SER B 94 -33.46 -12.63 20.78
CA SER B 94 -33.61 -11.56 21.75
C SER B 94 -32.27 -10.87 22.03
N LEU B 95 -32.28 -9.54 22.01
CA LEU B 95 -31.06 -8.76 22.23
C LEU B 95 -31.00 -8.20 23.65
N ILE B 96 -31.91 -8.67 24.50
CA ILE B 96 -32.04 -8.13 25.86
C ILE B 96 -31.32 -8.99 26.88
N THR B 97 -31.21 -10.29 26.61
CA THR B 97 -30.60 -11.21 27.56
C THR B 97 -29.22 -10.71 28.02
N ARG B 98 -28.82 -11.13 29.22
CA ARG B 98 -27.62 -10.58 29.85
C ARG B 98 -26.36 -10.64 28.98
N ASP B 99 -26.20 -11.74 28.25
CA ASP B 99 -24.95 -12.05 27.55
C ASP B 99 -24.77 -11.26 26.25
N VAL B 100 -25.86 -10.76 25.67
CA VAL B 100 -25.80 -10.11 24.36
C VAL B 100 -24.74 -9.02 24.24
N PRO B 101 -24.75 -8.03 25.14
CA PRO B 101 -23.76 -6.96 25.04
C PRO B 101 -22.35 -7.48 24.79
N ALA B 102 -21.90 -8.46 25.57
CA ALA B 102 -20.54 -8.96 25.43
C ALA B 102 -20.36 -9.66 24.09
N HIS B 103 -21.38 -10.40 23.68
CA HIS B 103 -21.34 -11.13 22.42
C HIS B 103 -21.21 -10.18 21.23
N LEU B 104 -21.98 -9.11 21.25
CA LEU B 104 -21.95 -8.13 20.17
C LEU B 104 -20.57 -7.49 20.06
N ALA B 105 -20.00 -7.15 21.21
CA ALA B 105 -18.69 -6.49 21.26
C ALA B 105 -17.60 -7.42 20.77
N GLU B 106 -17.77 -8.70 21.10
CA GLU B 106 -16.79 -9.72 20.74
C GLU B 106 -16.74 -9.93 19.22
N ASN B 107 -17.73 -9.40 18.52
CA ASN B 107 -17.83 -9.63 17.08
C ASN B 107 -17.70 -8.40 16.19
N SER B 108 -17.38 -7.28 16.81
CA SER B 108 -17.12 -6.05 16.06
C SER B 108 -16.18 -5.21 16.88
N GLY B 109 -14.95 -5.06 16.39
CA GLY B 109 -13.96 -4.26 17.07
C GLY B 109 -14.49 -2.88 17.34
N LYS B 110 -15.34 -2.38 16.45
CA LYS B 110 -15.93 -1.07 16.64
C LYS B 110 -16.79 -1.02 17.90
N PHE B 111 -17.69 -1.98 18.02
CA PHE B 111 -18.52 -2.09 19.22
C PHE B 111 -17.66 -2.26 20.48
N SER B 112 -16.56 -3.00 20.34
CA SER B 112 -15.67 -3.26 21.47
C SER B 112 -15.01 -1.96 21.94
N VAL B 113 -14.58 -1.14 20.99
CA VAL B 113 -14.03 0.16 21.31
C VAL B 113 -15.11 1.00 21.98
N LEU B 114 -16.27 1.10 21.34
CA LEU B 114 -17.38 1.86 21.91
C LEU B 114 -17.59 1.48 23.37
N ARG B 115 -17.90 0.21 23.61
CA ARG B 115 -18.09 -0.27 24.97
C ARG B 115 -16.96 0.17 25.90
N ASP B 116 -15.72 0.03 25.44
CA ASP B 116 -14.59 0.47 26.23
C ASP B 116 -14.74 1.95 26.56
N LEU B 117 -15.05 2.73 25.53
CA LEU B 117 -15.22 4.16 25.66
C LEU B 117 -16.28 4.46 26.71
N ILE B 118 -17.48 3.93 26.50
CA ILE B 118 -18.61 4.16 27.37
C ILE B 118 -18.33 3.72 28.82
N ASN B 119 -17.50 2.70 28.99
CA ASN B 119 -17.10 2.27 30.32
C ASN B 119 -16.37 3.37 31.09
N LEU B 120 -15.85 4.33 30.36
CA LEU B 120 -15.21 5.48 30.96
C LEU B 120 -16.20 6.63 31.14
N VAL B 121 -16.85 7.03 30.05
CA VAL B 121 -17.76 8.18 30.09
C VAL B 121 -18.96 7.96 31.02
N GLN B 122 -19.28 6.70 31.32
CA GLN B 122 -20.41 6.41 32.18
C GLN B 122 -20.16 6.82 33.62
N GLU B 123 -18.89 6.94 33.99
CA GLU B 123 -18.51 7.39 35.33
C GLU B 123 -18.87 8.85 35.58
N TYR B 124 -18.98 9.63 34.51
CA TYR B 124 -19.23 11.06 34.62
C TYR B 124 -20.70 11.41 34.57
N GLU B 125 -21.03 12.61 35.01
CA GLU B 125 -22.38 13.12 34.83
C GLU B 125 -22.39 13.82 33.50
N THR B 126 -22.93 13.15 32.49
CA THR B 126 -22.87 13.66 31.14
C THR B 126 -23.98 13.12 30.25
N GLU B 127 -24.35 13.91 29.26
CA GLU B 127 -25.22 13.44 28.19
C GLU B 127 -24.31 13.24 26.98
N THR B 128 -24.29 12.02 26.43
CA THR B 128 -23.47 11.76 25.26
C THR B 128 -24.33 11.32 24.09
N ALA B 129 -24.12 11.96 22.94
CA ALA B 129 -24.92 11.68 21.76
C ALA B 129 -24.21 10.70 20.85
N ILE B 130 -24.99 9.86 20.17
CA ILE B 130 -24.44 8.93 19.21
C ILE B 130 -25.35 8.86 18.00
N VAL B 131 -24.78 9.08 16.82
CA VAL B 131 -25.56 9.04 15.59
C VAL B 131 -25.10 7.86 14.75
N CYS B 132 -26.07 7.12 14.23
CA CYS B 132 -25.79 5.98 13.39
C CYS B 132 -26.97 5.77 12.45
N ARG B 133 -26.80 4.95 11.42
CA ARG B 133 -27.89 4.75 10.49
C ARG B 133 -29.05 4.11 11.24
N PRO B 134 -30.28 4.41 10.82
CA PRO B 134 -31.48 3.89 11.48
C PRO B 134 -31.59 2.39 11.26
N GLY B 135 -32.59 1.77 11.88
CA GLY B 135 -32.87 0.37 11.64
C GLY B 135 -32.14 -0.56 12.58
N ARG B 136 -31.66 -1.67 12.04
CA ARG B 136 -30.97 -2.66 12.84
C ARG B 136 -29.75 -2.09 13.56
N THR B 137 -29.06 -1.15 12.92
CA THR B 137 -27.92 -0.51 13.57
C THR B 137 -28.35 0.10 14.89
N ASP B 139 -30.87 -0.77 16.80
CA ASP B 139 -31.19 -1.82 17.75
C ASP B 139 -29.92 -2.38 18.36
N LEU B 140 -29.00 -2.80 17.51
CA LEU B 140 -27.72 -3.36 17.95
C LEU B 140 -26.99 -2.37 18.85
N LEU B 141 -27.06 -1.09 18.50
CA LEU B 141 -26.43 -0.05 19.28
C LEU B 141 -27.02 -0.06 20.68
N GLU B 142 -28.34 -0.12 20.75
CA GLU B 142 -29.04 -0.13 22.02
C GLU B 142 -28.66 -1.37 22.82
N ALA B 143 -28.73 -2.53 22.17
CA ALA B 143 -28.40 -3.79 22.81
C ALA B 143 -27.00 -3.74 23.42
N LEU B 144 -26.05 -3.20 22.66
CA LEU B 144 -24.68 -3.09 23.12
C LEU B 144 -24.58 -2.23 24.36
N LEU B 145 -25.36 -1.15 24.37
CA LEU B 145 -25.33 -0.19 25.48
C LEU B 145 -25.96 -0.73 26.77
N LEU B 146 -26.85 -1.71 26.64
CA LEU B 146 -27.49 -2.30 27.81
C LEU B 146 -26.47 -2.92 28.76
N GLY B 147 -25.26 -3.17 28.26
CA GLY B 147 -24.19 -3.69 29.09
C GLY B 147 -23.44 -2.59 29.81
N ASN B 148 -23.99 -1.38 29.80
CA ASN B 148 -23.32 -0.23 30.42
C ASN B 148 -24.17 0.48 31.48
N LYS B 149 -23.54 0.86 32.58
CA LYS B 149 -24.21 1.61 33.65
C LYS B 149 -24.63 2.97 33.11
N VAL B 150 -25.71 2.98 32.33
CA VAL B 150 -26.03 4.14 31.51
C VAL B 150 -27.51 4.20 31.11
N HIS B 151 -28.08 5.41 31.17
CA HIS B 151 -29.41 5.64 30.64
C HIS B 151 -29.35 5.70 29.12
N ILE B 152 -30.40 5.21 28.46
CA ILE B 152 -30.45 5.20 27.02
C ILE B 152 -31.73 5.83 26.50
N LYS B 153 -31.59 6.89 25.69
CA LYS B 153 -32.73 7.53 25.06
C LYS B 153 -32.65 7.40 23.54
N ARG B 154 -33.73 6.92 22.94
CA ARG B 154 -33.86 6.94 21.48
C ARG B 154 -34.83 8.04 21.05
N TYR B 155 -34.82 8.38 19.78
CA TYR B 155 -35.67 9.46 19.27
C TYR B 155 -36.42 9.02 18.02
N ASP B 156 -36.76 7.74 17.98
CA ASP B 156 -37.53 7.19 16.88
C ASP B 156 -38.79 6.50 17.39
N GLY B 157 -39.05 6.64 18.69
CA GLY B 157 -40.22 6.05 19.30
C GLY B 157 -40.13 4.55 19.45
N HIS B 158 -39.03 3.99 18.95
CA HIS B 158 -38.79 2.55 19.06
C HIS B 158 -37.83 2.24 20.20
N SER B 159 -37.71 0.95 20.51
CA SER B 159 -36.76 0.47 21.51
C SER B 159 -36.95 -1.01 21.71
N ILE B 160 -35.97 -1.64 22.34
CA ILE B 160 -36.02 -3.08 22.57
C ILE B 160 -36.29 -3.38 24.05
N LYS B 161 -36.36 -2.32 24.85
CA LYS B 161 -36.67 -2.46 26.28
C LYS B 161 -37.83 -1.56 26.72
N ASP B 168 -30.32 4.73 38.67
CA ASP B 168 -29.74 6.05 38.86
C ASP B 168 -28.36 6.12 38.20
N PHE B 169 -28.31 6.70 37.00
CA PHE B 169 -27.05 6.77 36.26
C PHE B 169 -26.65 8.21 35.96
N SER B 170 -25.37 8.51 36.21
CA SER B 170 -24.84 9.83 35.92
C SER B 170 -24.81 10.06 34.42
N CYS B 171 -24.57 9.00 33.67
CA CYS B 171 -24.45 9.12 32.22
C CYS B 171 -25.69 8.68 31.46
N THR B 172 -26.11 9.53 30.53
CA THR B 172 -27.18 9.18 29.61
C THR B 172 -26.66 9.23 28.18
N VAL B 173 -27.04 8.23 27.39
CA VAL B 173 -26.60 8.15 26.01
C VAL B 173 -27.78 8.28 25.05
N HIS B 174 -27.73 9.26 24.17
CA HIS B 174 -28.81 9.54 23.25
C HIS B 174 -28.51 9.01 21.84
N LEU B 175 -29.37 8.13 21.34
CA LEU B 175 -29.16 7.50 20.04
C LEU B 175 -29.99 8.15 18.93
N PHE B 176 -29.32 8.83 18.01
CA PHE B 176 -30.02 9.51 16.93
C PHE B 176 -29.77 8.86 15.58
N SER B 177 -30.79 8.92 14.71
CA SER B 177 -30.62 8.48 13.34
C SER B 177 -29.83 9.51 12.55
N SER B 178 -28.98 9.04 11.65
CA SER B 178 -28.22 9.92 10.78
C SER B 178 -29.09 10.38 9.61
N GLU B 179 -30.22 9.70 9.44
CA GLU B 179 -31.10 9.92 8.30
C GLU B 179 -32.46 10.49 8.72
N GLY B 180 -32.47 11.71 9.26
CA GLY B 180 -33.70 12.37 9.62
C GLY B 180 -34.19 11.99 11.01
N ILE B 181 -34.45 12.98 11.85
CA ILE B 181 -34.73 12.71 13.26
C ILE B 181 -36.17 12.93 13.74
N ASN B 182 -36.68 14.17 13.59
CA ASN B 182 -38.04 14.53 14.02
C ASN B 182 -38.10 14.95 15.49
N PHE B 183 -37.55 16.13 15.78
CA PHE B 183 -37.45 16.61 17.14
C PHE B 183 -38.76 17.18 17.69
N THR B 184 -39.79 17.23 16.86
CA THR B 184 -41.07 17.78 17.30
C THR B 184 -41.95 16.72 17.97
N LYS B 185 -41.88 15.49 17.47
CA LYS B 185 -42.57 14.38 18.12
C LYS B 185 -41.69 13.79 19.22
N TYR B 186 -40.39 14.00 19.10
CA TYR B 186 -39.41 13.51 20.09
C TYR B 186 -38.37 14.57 20.38
N PRO B 187 -38.65 15.44 21.36
CA PRO B 187 -37.77 16.56 21.68
C PRO B 187 -36.65 16.18 22.64
N ILE B 188 -35.62 17.00 22.72
CA ILE B 188 -34.52 16.74 23.64
C ILE B 188 -34.89 17.17 25.05
N LYS B 189 -35.50 16.26 25.81
CA LYS B 189 -35.89 16.55 27.19
C LYS B 189 -34.66 16.70 28.11
N SER B 190 -33.47 16.62 27.51
CA SER B 190 -32.20 16.57 28.25
C SER B 190 -32.01 17.65 29.31
N LYS B 191 -32.13 18.91 28.90
CA LYS B 191 -31.85 20.03 29.80
C LYS B 191 -30.37 20.21 30.09
N ALA B 192 -29.51 19.78 29.17
CA ALA B 192 -28.07 19.95 29.30
C ALA B 192 -27.35 19.65 27.98
N ARG B 193 -26.15 20.22 27.83
CA ARG B 193 -25.37 20.05 26.60
C ARG B 193 -24.89 18.62 26.42
N PHE B 194 -24.69 18.23 25.16
CA PHE B 194 -24.03 16.97 24.86
C PHE B 194 -22.52 17.19 24.94
N ASP B 195 -21.87 16.51 25.87
CA ASP B 195 -20.45 16.70 26.13
C ASP B 195 -19.60 16.06 25.03
N LEU B 197 -20.25 14.05 20.77
CA LEU B 197 -21.08 13.36 19.78
C LEU B 197 -20.29 12.30 19.01
N ILE B 198 -20.83 11.09 18.98
CA ILE B 198 -20.13 9.95 18.41
C ILE B 198 -20.74 9.48 17.08
N CYS B 199 -19.90 9.43 16.04
CA CYS B 199 -20.30 8.86 14.75
C CYS B 199 -20.00 7.37 14.66
N LEU B 200 -21.05 6.56 14.62
CA LEU B 200 -20.91 5.12 14.54
C LEU B 200 -20.65 4.65 13.10
N ASP B 201 -21.59 4.95 12.21
CA ASP B 201 -21.43 4.64 10.80
C ASP B 201 -20.69 5.77 10.10
N THR B 202 -20.54 5.62 8.79
CA THR B 202 -20.08 6.69 7.92
C THR B 202 -21.33 7.27 7.28
N THR B 203 -22.47 6.79 7.74
CA THR B 203 -23.76 7.28 7.28
C THR B 203 -24.02 8.67 7.85
N VAL B 204 -23.23 9.04 8.86
CA VAL B 204 -23.41 10.30 9.56
C VAL B 204 -22.78 11.49 8.85
N ASP B 205 -23.61 12.45 8.46
CA ASP B 205 -23.16 13.70 7.88
C ASP B 205 -23.25 14.80 8.93
N THR B 206 -22.12 15.14 9.55
CA THR B 206 -22.13 16.16 10.60
C THR B 206 -22.47 17.55 10.07
N SER B 207 -22.43 17.72 8.75
CA SER B 207 -22.72 19.02 8.16
C SER B 207 -24.22 19.29 8.15
N GLN B 208 -25.02 18.24 8.00
CA GLN B 208 -26.47 18.36 7.98
C GLN B 208 -26.99 19.21 9.16
N LYS B 209 -28.19 19.75 9.01
CA LYS B 209 -28.75 20.66 10.02
C LYS B 209 -29.08 19.97 11.34
N ASP B 210 -29.77 18.83 11.26
CA ASP B 210 -30.17 18.13 12.47
C ASP B 210 -28.96 17.76 13.34
N ILE B 211 -27.85 17.42 12.71
CA ILE B 211 -26.64 17.09 13.45
C ILE B 211 -25.94 18.36 13.96
N GLN B 212 -26.01 19.43 13.19
CA GLN B 212 -25.47 20.72 13.61
C GLN B 212 -26.26 21.26 14.81
N TYR B 213 -27.57 20.99 14.80
CA TYR B 213 -28.42 21.34 15.93
C TYR B 213 -27.93 20.65 17.20
N LEU B 214 -27.68 19.34 17.09
CA LEU B 214 -27.20 18.56 18.22
C LEU B 214 -25.89 19.10 18.81
N LEU B 215 -24.92 19.35 17.95
CA LEU B 215 -23.60 19.79 18.40
C LEU B 215 -23.66 21.11 19.16
N GLN B 216 -24.52 22.02 18.71
CA GLN B 216 -24.73 23.30 19.37
C GLN B 216 -25.99 23.21 20.23
N TYR B 217 -25.83 22.83 21.48
CA TYR B 217 -26.97 22.67 22.37
C TYR B 217 -26.69 23.46 23.65
N LYS B 218 -25.69 24.33 23.57
CA LYS B 218 -25.37 25.25 24.65
C LYS B 218 -24.08 26.02 24.34
N GLU B 225 -16.89 25.12 24.24
CA GLU B 225 -17.26 26.12 23.23
C GLU B 225 -18.51 25.80 22.40
N ARG B 226 -18.67 26.51 21.29
CA ARG B 226 -19.91 26.49 20.53
C ARG B 226 -20.32 25.09 20.09
N TYR B 227 -19.35 24.24 19.79
CA TYR B 227 -19.62 22.94 19.21
C TYR B 227 -19.17 21.78 20.09
N ALA B 228 -20.00 20.75 20.19
CA ALA B 228 -19.63 19.53 20.87
C ALA B 228 -18.54 18.81 20.09
N PRO B 229 -17.58 18.18 20.79
CA PRO B 229 -16.53 17.47 20.07
C PRO B 229 -17.12 16.31 19.29
N ILE B 230 -16.66 16.13 18.07
CA ILE B 230 -17.06 14.97 17.28
C ILE B 230 -15.97 13.93 17.38
N VAL B 231 -16.35 12.70 17.70
CA VAL B 231 -15.39 11.61 17.62
C VAL B 231 -15.97 10.48 16.82
N ARG B 232 -15.27 10.12 15.74
CA ARG B 232 -15.78 9.17 14.76
C ARG B 232 -15.10 7.82 14.91
N LEU B 233 -15.89 6.77 15.10
CA LEU B 233 -15.36 5.41 15.20
C LEU B 233 -15.06 4.86 13.81
N VAL B 234 -13.80 4.51 13.56
CA VAL B 234 -13.37 4.09 12.24
C VAL B 234 -12.48 2.84 12.30
N ALA B 235 -12.85 1.81 11.53
CA ALA B 235 -12.03 0.62 11.44
C ALA B 235 -10.83 0.88 10.52
N ILE B 236 -9.60 0.73 11.03
CA ILE B 236 -8.41 1.05 10.21
C ILE B 236 -8.39 0.28 8.89
N ASN B 237 -7.98 0.97 7.84
CA ASN B 237 -7.77 0.33 6.54
C ASN B 237 -9.05 -0.34 6.05
N SER B 238 -10.18 0.04 6.65
CA SER B 238 -11.46 -0.49 6.25
C SER B 238 -12.10 0.55 5.34
N ILE B 239 -13.21 0.17 4.71
CA ILE B 239 -13.97 1.11 3.90
C ILE B 239 -14.20 2.38 4.70
N ASP B 240 -14.47 2.21 6.00
CA ASP B 240 -14.65 3.35 6.91
C ASP B 240 -13.53 4.37 6.77
N HIS B 241 -12.31 3.87 6.89
CA HIS B 241 -11.11 4.70 6.74
C HIS B 241 -11.10 5.39 5.38
N CYS B 242 -11.29 4.61 4.33
CA CYS B 242 -11.31 5.11 2.96
C CYS B 242 -12.31 6.25 2.76
N ARG B 243 -13.56 6.03 3.15
CA ARG B 243 -14.61 7.02 2.94
C ARG B 243 -14.30 8.32 3.65
N LEU B 244 -13.66 8.22 4.81
CA LEU B 244 -13.47 9.35 5.69
C LEU B 244 -12.34 10.23 5.19
N PHE B 245 -11.28 9.59 4.69
CA PHE B 245 -10.07 10.29 4.28
C PHE B 245 -10.17 10.87 2.86
N PHE B 246 -10.52 10.03 1.90
CA PHE B 246 -10.72 10.52 0.53
C PHE B 246 -11.88 11.52 0.50
N GLY B 247 -12.77 11.40 1.46
CA GLY B 247 -13.92 12.28 1.55
C GLY B 247 -13.54 13.74 1.68
N LYS B 248 -12.40 14.02 2.32
CA LYS B 248 -11.95 15.38 2.48
C LYS B 248 -10.95 15.74 1.38
N LYS B 249 -11.12 15.11 0.23
CA LYS B 249 -10.12 15.22 -0.83
C LYS B 249 -10.71 15.04 -2.23
N PHE B 250 -11.96 14.60 -2.32
CA PHE B 250 -12.64 14.44 -3.60
C PHE B 250 -14.14 14.67 -3.49
N ASP B 251 -14.65 14.53 -2.27
CA ASP B 251 -16.02 14.92 -1.97
C ASP B 251 -17.07 14.23 -2.82
N LYS B 252 -18.31 14.34 -2.35
CA LYS B 252 -19.48 14.04 -3.16
C LYS B 252 -19.40 12.67 -3.84
N ASN B 253 -19.98 12.62 -5.04
CA ASN B 253 -20.08 11.40 -5.82
C ASN B 253 -19.20 11.51 -7.06
N SER B 254 -18.03 12.11 -6.88
CA SER B 254 -17.06 12.23 -7.97
C SER B 254 -16.61 10.85 -8.42
N ARG B 255 -16.13 10.76 -9.66
CA ARG B 255 -15.52 9.54 -10.16
C ARG B 255 -14.32 9.21 -9.29
N GLU B 256 -13.53 10.24 -9.01
CA GLU B 256 -12.28 10.05 -8.29
C GLU B 256 -12.48 9.55 -6.86
N TYR B 257 -13.59 9.93 -6.24
CA TYR B 257 -13.90 9.43 -4.92
C TYR B 257 -14.07 7.92 -4.98
N LEU B 258 -15.04 7.47 -5.76
CA LEU B 258 -15.34 6.05 -5.85
C LEU B 258 -14.11 5.24 -6.27
N GLU B 259 -13.31 5.81 -7.17
CA GLU B 259 -12.13 5.09 -7.66
C GLU B 259 -11.09 4.90 -6.56
N ASN B 260 -10.73 5.98 -5.87
CA ASN B 260 -9.78 5.89 -4.77
C ASN B 260 -10.31 5.08 -3.60
N VAL B 261 -11.59 5.24 -3.30
CA VAL B 261 -12.21 4.52 -2.20
C VAL B 261 -12.29 3.02 -2.46
N THR B 262 -12.75 2.62 -3.64
CA THR B 262 -12.87 1.20 -3.94
C THR B 262 -11.49 0.56 -4.02
N ALA B 263 -10.58 1.20 -4.73
CA ALA B 263 -9.24 0.65 -4.89
C ALA B 263 -8.60 0.42 -3.53
N ALA B 264 -8.77 1.39 -2.63
CA ALA B 264 -8.21 1.29 -1.30
C ALA B 264 -8.86 0.16 -0.50
N VAL B 266 -10.20 -2.50 -1.46
CA VAL B 266 -9.80 -3.79 -2.00
C VAL B 266 -8.35 -4.11 -1.68
N ILE B 267 -7.48 -3.12 -1.78
CA ILE B 267 -6.06 -3.34 -1.59
C ILE B 267 -5.70 -3.41 -0.11
N LEU B 268 -6.37 -2.62 0.72
CA LEU B 268 -6.08 -2.60 2.15
C LEU B 268 -6.63 -3.84 2.84
N ARG B 269 -7.52 -4.54 2.14
CA ARG B 269 -8.13 -5.79 2.60
C ARG B 269 -7.20 -6.70 3.42
N ASP B 270 -5.90 -6.62 3.18
CA ASP B 270 -4.94 -7.48 3.88
C ASP B 270 -4.53 -6.94 5.26
N ARG B 271 -4.47 -5.62 5.41
CA ARG B 271 -4.06 -4.99 6.65
C ARG B 271 -5.28 -4.53 7.43
N LEU B 272 -6.44 -4.86 6.90
CA LEU B 272 -7.73 -4.51 7.47
C LEU B 272 -7.76 -4.63 9.01
N GLY B 273 -8.14 -3.54 9.66
CA GLY B 273 -8.45 -3.57 11.08
C GLY B 273 -7.35 -3.98 12.04
N THR B 274 -6.10 -3.68 11.72
CA THR B 274 -5.05 -3.83 12.71
C THR B 274 -4.43 -2.48 13.06
N LEU B 275 -4.45 -2.15 14.35
CA LEU B 275 -3.85 -0.91 14.84
C LEU B 275 -2.34 -1.01 14.70
N PRO B 276 -1.68 0.14 14.51
CA PRO B 276 -0.22 0.16 14.46
C PRO B 276 0.36 -0.16 15.83
N PRO B 277 1.61 -0.63 15.86
CA PRO B 277 2.27 -1.02 17.12
C PRO B 277 2.21 0.09 18.16
N ASP B 278 2.39 1.33 17.72
CA ASP B 278 2.32 2.49 18.61
C ASP B 278 0.98 2.55 19.34
N LEU B 279 -0.08 2.35 18.59
CA LEU B 279 -1.43 2.60 19.06
C LEU B 279 -1.97 1.48 19.94
N ARG B 280 -1.44 0.27 19.80
CA ARG B 280 -2.00 -0.89 20.47
C ARG B 280 -2.17 -0.75 21.98
N PRO B 281 -1.11 -0.37 22.69
CA PRO B 281 -1.18 -0.35 24.15
C PRO B 281 -2.36 0.49 24.66
N ILE B 282 -2.59 1.62 24.01
CA ILE B 282 -3.72 2.49 24.37
C ILE B 282 -5.01 1.70 24.39
N TYR B 283 -5.21 0.88 23.36
CA TYR B 283 -6.41 0.06 23.23
C TYR B 283 -6.40 -1.16 24.16
N SER B 284 -5.25 -1.82 24.26
CA SER B 284 -5.04 -2.89 25.21
C SER B 284 -5.32 -2.39 26.63
N GLN B 285 -4.97 -1.14 26.88
CA GLN B 285 -5.16 -0.55 28.19
C GLN B 285 -6.61 -0.08 28.34
N LYS B 286 -7.48 -0.60 27.48
CA LYS B 286 -8.91 -0.31 27.55
C LYS B 286 -9.18 1.19 27.49
N LEU B 287 -8.28 1.92 26.85
CA LEU B 287 -8.50 3.32 26.48
C LEU B 287 -8.43 4.34 27.61
N HIS B 288 -7.80 3.99 28.72
CA HIS B 288 -7.69 4.93 29.82
C HIS B 288 -6.92 6.18 29.38
N TYR B 289 -6.08 6.01 28.36
CA TYR B 289 -5.31 7.10 27.79
C TYR B 289 -6.16 8.32 27.44
N LEU B 290 -7.47 8.13 27.40
CA LEU B 290 -8.36 9.21 26.98
C LEU B 290 -9.03 9.96 28.13
N VAL B 291 -8.73 9.58 29.36
CA VAL B 291 -9.43 10.17 30.50
C VAL B 291 -9.18 11.67 30.59
N GLU B 292 -7.92 12.07 30.42
CA GLU B 292 -7.61 13.49 30.46
C GLU B 292 -8.51 14.26 29.50
N TRP B 293 -8.51 13.86 28.24
CA TRP B 293 -9.33 14.55 27.24
C TRP B 293 -10.83 14.48 27.57
N LEU B 294 -11.25 13.43 28.26
CA LEU B 294 -12.66 13.27 28.60
C LEU B 294 -13.08 14.30 29.62
N GLU B 295 -12.14 14.72 30.45
CA GLU B 295 -12.43 15.63 31.54
C GLU B 295 -12.21 17.08 31.11
N ASN B 296 -11.28 17.29 30.20
CA ASN B 296 -11.07 18.62 29.60
C ASN B 296 -11.16 18.51 28.08
N PRO B 297 -12.39 18.54 27.54
CA PRO B 297 -12.62 18.41 26.09
C PRO B 297 -12.00 19.55 25.28
N THR B 298 -11.24 20.41 25.94
CA THR B 298 -10.53 21.49 25.29
C THR B 298 -9.08 21.10 24.97
N VAL B 299 -8.55 20.16 25.73
CA VAL B 299 -7.21 19.62 25.48
C VAL B 299 -7.17 18.99 24.08
N PRO B 300 -5.99 18.98 23.45
CA PRO B 300 -5.88 18.36 22.12
C PRO B 300 -6.19 16.87 22.16
N TRP B 301 -6.83 16.37 21.10
CA TRP B 301 -7.08 14.93 20.96
C TRP B 301 -5.74 14.20 21.05
N PRO B 302 -5.64 13.22 21.96
CA PRO B 302 -4.39 12.52 22.30
C PRO B 302 -3.90 11.59 21.19
N LEU B 303 -4.79 11.18 20.28
CA LEU B 303 -4.45 10.24 19.22
C LEU B 303 -4.04 10.95 17.93
N PRO B 304 -3.25 10.26 17.10
CA PRO B 304 -2.76 10.86 15.85
C PRO B 304 -3.93 11.18 14.94
N ASP B 305 -3.74 12.08 13.99
CA ASP B 305 -4.79 12.36 13.03
C ASP B 305 -4.97 11.18 12.10
N ILE B 306 -6.15 11.06 11.51
CA ILE B 306 -6.44 9.98 10.58
C ILE B 306 -5.26 9.73 9.63
N TYR B 307 -4.68 8.54 9.73
CA TYR B 307 -3.59 8.15 8.86
C TYR B 307 -4.00 8.30 7.41
N PRO B 308 -3.12 8.87 6.59
CA PRO B 308 -3.45 9.06 5.17
C PRO B 308 -3.38 7.73 4.42
N LEU B 309 -4.11 7.63 3.32
CA LEU B 309 -4.09 6.44 2.49
C LEU B 309 -3.58 6.81 1.10
N LYS B 310 -2.82 5.91 0.50
CA LYS B 310 -2.26 6.14 -0.82
C LYS B 310 -3.33 6.13 -1.90
N GLN B 311 -3.12 6.91 -2.95
CA GLN B 311 -3.99 6.86 -4.11
C GLN B 311 -3.51 5.70 -4.96
N TYR B 312 -4.27 4.61 -4.96
CA TYR B 312 -3.85 3.40 -5.67
C TYR B 312 -4.26 3.44 -7.13
N THR B 313 -3.50 2.71 -7.95
CA THR B 313 -3.63 2.74 -9.39
C THR B 313 -4.38 1.52 -9.87
N SER B 314 -4.99 1.64 -11.05
CA SER B 314 -5.58 0.48 -11.71
C SER B 314 -4.59 -0.69 -11.66
N ASP B 316 -2.33 -1.27 -9.08
CA ASP B 316 -2.22 -1.81 -7.73
C ASP B 316 -3.37 -2.75 -7.41
N VAL B 317 -4.55 -2.44 -7.94
CA VAL B 317 -5.74 -3.25 -7.71
C VAL B 317 -5.62 -4.61 -8.41
N GLU B 318 -5.09 -4.59 -9.63
CA GLU B 318 -4.81 -5.82 -10.34
C GLU B 318 -3.84 -6.70 -9.55
N ARG B 319 -2.72 -6.11 -9.15
CA ARG B 319 -1.69 -6.83 -8.40
C ARG B 319 -2.28 -7.42 -7.11
N SER B 320 -3.12 -6.62 -6.45
CA SER B 320 -3.77 -7.05 -5.22
C SER B 320 -4.70 -8.23 -5.46
N LEU B 321 -5.52 -8.15 -6.51
CA LEU B 321 -6.51 -9.20 -6.78
C LEU B 321 -5.90 -10.50 -7.29
N LEU B 322 -4.68 -10.44 -7.83
CA LEU B 322 -4.01 -11.64 -8.32
C LEU B 322 -3.83 -12.69 -7.24
N THR B 323 -3.12 -12.32 -6.19
CA THR B 323 -2.83 -13.23 -5.09
C THR B 323 -4.08 -13.97 -4.61
N THR C 22 14.94 -15.97 1.42
CA THR C 22 14.56 -16.28 0.04
C THR C 22 15.74 -16.92 -0.70
N SER C 23 15.73 -16.83 -2.02
CA SER C 23 16.50 -17.72 -2.90
C SER C 23 17.95 -17.31 -3.19
N GLY C 24 18.40 -16.21 -2.61
CA GLY C 24 19.71 -15.67 -2.98
C GLY C 24 19.71 -15.17 -4.41
N ASP C 25 18.53 -14.81 -4.90
CA ASP C 25 18.37 -14.23 -6.22
C ASP C 25 17.19 -13.27 -6.21
N TYR C 26 17.46 -12.02 -5.88
CA TYR C 26 16.41 -11.04 -5.64
C TYR C 26 16.41 -9.91 -6.67
N TRP C 27 15.27 -9.24 -6.79
CA TRP C 27 15.21 -8.09 -7.66
C TRP C 27 15.16 -6.82 -6.84
N LEU C 28 15.71 -5.76 -7.40
CA LEU C 28 15.64 -4.43 -6.81
C LEU C 28 15.06 -3.48 -7.85
N PRO C 29 13.74 -3.26 -7.79
CA PRO C 29 13.06 -2.36 -8.73
C PRO C 29 13.64 -0.94 -8.73
N THR C 30 13.68 -0.30 -9.88
CA THR C 30 14.15 1.06 -9.97
C THR C 30 13.20 1.84 -10.82
N THR C 31 13.14 3.14 -10.60
CA THR C 31 12.23 4.00 -11.34
C THR C 31 12.79 4.35 -12.71
N SER C 33 13.39 8.00 -15.11
CA SER C 33 13.33 9.44 -15.28
C SER C 33 12.31 9.80 -16.37
N LEU C 34 11.77 11.01 -16.31
CA LEU C 34 10.82 11.45 -17.32
C LEU C 34 11.40 11.23 -18.71
N TYR C 35 12.69 11.53 -18.86
CA TYR C 35 13.35 11.40 -20.15
C TYR C 35 13.43 9.95 -20.59
N GLN C 36 13.73 9.06 -19.65
CA GLN C 36 13.77 7.64 -19.95
C GLN C 36 12.41 7.15 -20.40
N LYS C 37 11.36 7.64 -19.73
CA LYS C 37 10.00 7.28 -20.13
C LYS C 37 9.71 7.72 -21.56
N GLU C 38 9.82 9.02 -21.85
CA GLU C 38 9.42 9.52 -23.16
C GLU C 38 10.33 8.97 -24.26
N LEU C 39 11.56 8.62 -23.90
CA LEU C 39 12.42 7.93 -24.86
C LEU C 39 11.82 6.60 -25.27
N THR C 40 11.47 5.78 -24.28
CA THR C 40 10.87 4.48 -24.54
C THR C 40 9.61 4.65 -25.37
N ASP C 41 8.77 5.58 -24.92
CA ASP C 41 7.55 5.92 -25.63
C ASP C 41 7.82 6.24 -27.10
N GLN C 42 8.89 6.97 -27.37
CA GLN C 42 9.29 7.26 -28.74
C GLN C 42 9.72 6.00 -29.46
N ILE C 43 10.57 5.20 -28.81
CA ILE C 43 11.05 3.96 -29.40
C ILE C 43 9.87 3.12 -29.86
N VAL C 44 8.83 3.07 -29.04
CA VAL C 44 7.63 2.33 -29.38
C VAL C 44 6.92 2.93 -30.60
N SER C 45 6.71 4.24 -30.58
CA SER C 45 6.05 4.92 -31.69
C SER C 45 6.79 4.65 -33.00
N LEU C 46 8.10 4.54 -32.89
CA LEU C 46 8.93 4.29 -34.06
C LEU C 46 8.57 2.96 -34.73
N HIS C 47 8.50 1.91 -33.94
CA HIS C 47 8.21 0.58 -34.45
C HIS C 47 6.69 0.34 -34.49
N TYR C 48 5.91 1.42 -34.41
CA TYR C 48 4.46 1.33 -34.36
C TYR C 48 3.89 0.31 -35.36
N SER C 49 4.12 0.56 -36.65
CA SER C 49 3.58 -0.30 -37.70
C SER C 49 4.17 -1.71 -37.61
N ASP C 50 5.47 -1.80 -37.40
CA ASP C 50 6.11 -3.09 -37.28
C ASP C 50 5.49 -3.93 -36.17
N ILE C 51 5.08 -3.27 -35.10
CA ILE C 51 4.44 -3.98 -33.98
C ILE C 51 3.13 -4.59 -34.40
N LEU C 52 2.24 -3.77 -34.96
CA LEU C 52 0.94 -4.24 -35.40
C LEU C 52 1.10 -5.40 -36.36
N ARG C 53 2.09 -5.32 -37.22
CA ARG C 53 2.41 -6.38 -38.17
C ARG C 53 2.77 -7.68 -37.42
N TYR C 54 3.74 -7.59 -36.52
CA TYR C 54 4.24 -8.74 -35.78
C TYR C 54 3.13 -9.48 -35.06
N PHE C 55 2.06 -8.78 -34.75
CA PHE C 55 0.95 -9.39 -34.00
C PHE C 55 -0.20 -9.81 -34.90
N GLU C 56 -0.34 -9.14 -36.04
CA GLU C 56 -1.39 -9.47 -37.00
C GLU C 56 -1.14 -10.82 -37.63
N THR C 57 -0.20 -10.88 -38.57
CA THR C 57 0.17 -12.15 -39.19
C THR C 57 0.94 -13.01 -38.21
N SER C 58 0.23 -13.52 -37.20
CA SER C 58 0.86 -14.28 -36.12
C SER C 58 1.39 -15.62 -36.61
N HIS C 59 2.43 -16.09 -35.93
CA HIS C 59 3.12 -17.33 -36.28
C HIS C 59 3.84 -17.30 -37.62
N TYR C 60 3.20 -16.78 -38.65
CA TYR C 60 3.87 -16.65 -39.93
C TYR C 60 5.19 -15.91 -39.73
N LYS C 61 5.09 -14.71 -39.18
CA LYS C 61 6.26 -13.91 -38.79
C LYS C 61 7.38 -13.86 -39.81
N GLU C 62 7.64 -12.66 -40.33
CA GLU C 62 8.70 -12.45 -41.30
C GLU C 62 9.96 -11.94 -40.60
N ASP C 63 11.12 -12.22 -41.20
CA ASP C 63 12.41 -11.94 -40.57
C ASP C 63 12.65 -10.46 -40.30
N VAL C 64 12.33 -9.60 -41.26
CA VAL C 64 12.46 -8.16 -41.08
C VAL C 64 11.74 -7.71 -39.82
N ILE C 65 10.51 -8.16 -39.67
CA ILE C 65 9.70 -7.80 -38.51
C ILE C 65 10.27 -8.33 -37.20
N LEU C 66 10.77 -9.57 -37.21
CA LEU C 66 11.45 -10.10 -36.04
C LEU C 66 12.60 -9.20 -35.61
N GLU C 67 13.48 -8.86 -36.55
CA GLU C 67 14.60 -7.99 -36.26
C GLU C 67 14.13 -6.65 -35.70
N SER C 68 12.97 -6.20 -36.17
CA SER C 68 12.40 -4.97 -35.67
C SER C 68 11.99 -5.13 -34.21
N LYS C 70 13.03 -7.24 -32.22
CA LYS C 70 14.24 -7.56 -31.47
C LYS C 70 15.00 -6.30 -31.12
N THR C 71 15.18 -5.40 -32.08
CA THR C 71 15.97 -4.22 -31.81
C THR C 71 15.18 -3.17 -31.03
N CYS C 73 13.28 -3.99 -28.71
CA CYS C 73 13.56 -4.51 -27.38
C CYS C 73 14.94 -4.09 -26.91
N LEU C 74 15.91 -4.16 -27.79
CA LEU C 74 17.28 -3.81 -27.43
C LEU C 74 17.36 -2.36 -26.99
N ASN C 75 16.88 -1.45 -27.83
CA ASN C 75 16.93 -0.03 -27.53
C ASN C 75 16.16 0.33 -26.26
N GLY C 76 15.08 -0.39 -26.00
CA GLY C 76 14.34 -0.19 -24.77
C GLY C 76 15.21 -0.56 -23.57
N SER C 77 15.91 -1.67 -23.69
CA SER C 77 16.77 -2.16 -22.63
C SER C 77 17.87 -1.17 -22.29
N LEU C 78 18.53 -0.63 -23.31
CA LEU C 78 19.58 0.35 -23.11
C LEU C 78 19.05 1.55 -22.32
N VAL C 79 17.96 2.15 -22.80
CA VAL C 79 17.38 3.32 -22.18
C VAL C 79 17.03 3.04 -20.72
N ALA C 80 16.57 1.82 -20.46
CA ALA C 80 16.17 1.45 -19.11
C ALA C 80 17.30 1.58 -18.10
N THR C 81 18.53 1.34 -18.53
CA THR C 81 19.66 1.47 -17.62
C THR C 81 20.36 2.81 -17.83
N HIS C 82 20.33 3.36 -19.05
CA HIS C 82 20.70 4.77 -19.23
C HIS C 82 20.50 5.32 -20.66
N PRO C 83 19.90 6.51 -20.75
CA PRO C 83 19.64 7.19 -22.03
C PRO C 83 20.91 7.40 -22.87
N TYR C 84 22.05 7.58 -22.23
CA TYR C 84 23.29 7.79 -22.99
C TYR C 84 23.68 6.53 -23.78
N LEU C 85 23.18 5.37 -23.33
CA LEU C 85 23.49 4.14 -24.05
C LEU C 85 22.85 4.17 -25.42
N LEU C 86 21.91 5.09 -25.60
CA LEU C 86 21.19 5.16 -26.86
C LEU C 86 21.42 6.48 -27.60
N ILE C 87 21.72 7.55 -26.86
CA ILE C 87 21.87 8.84 -27.51
C ILE C 87 23.06 9.66 -26.99
N ASP C 88 24.16 9.61 -27.74
CA ASP C 88 25.39 10.33 -27.42
C ASP C 88 25.15 11.79 -27.10
N HIS C 89 24.27 12.41 -27.90
CA HIS C 89 23.93 13.82 -27.76
C HIS C 89 24.11 14.30 -26.33
N TYR C 90 24.98 15.29 -26.14
CA TYR C 90 25.06 16.01 -24.89
C TYR C 90 25.75 15.25 -23.76
N PRO C 92 28.55 14.41 -21.56
CA PRO C 92 29.76 15.15 -21.23
C PRO C 92 30.94 14.52 -21.96
N LYS C 93 31.85 15.33 -22.47
CA LYS C 93 33.03 14.79 -23.13
C LYS C 93 33.96 14.14 -22.12
N SER C 94 33.89 14.60 -20.87
CA SER C 94 34.64 13.98 -19.78
C SER C 94 33.68 13.48 -18.72
N LEU C 95 33.89 12.23 -18.26
CA LEU C 95 33.05 11.62 -17.23
C LEU C 95 33.70 11.66 -15.85
N ILE C 96 34.79 12.40 -15.75
CA ILE C 96 35.58 12.45 -14.52
C ILE C 96 35.23 13.64 -13.63
N THR C 97 34.80 14.73 -14.26
CA THR C 97 34.51 15.96 -13.53
C THR C 97 33.56 15.73 -12.36
N ARG C 98 33.64 16.59 -11.35
CA ARG C 98 32.96 16.32 -10.08
C ARG C 98 31.47 16.05 -10.22
N ASP C 99 30.83 16.77 -11.13
CA ASP C 99 29.37 16.83 -11.22
C ASP C 99 28.77 15.61 -11.92
N VAL C 100 29.58 14.92 -12.72
CA VAL C 100 29.07 13.81 -13.53
C VAL C 100 28.25 12.78 -12.76
N PRO C 101 28.81 12.20 -11.68
CA PRO C 101 28.06 11.19 -10.94
C PRO C 101 26.62 11.59 -10.65
N ALA C 102 26.39 12.79 -10.14
CA ALA C 102 25.04 13.24 -9.83
C ALA C 102 24.19 13.35 -11.08
N HIS C 103 24.80 13.86 -12.14
CA HIS C 103 24.10 14.06 -13.41
C HIS C 103 23.62 12.73 -13.98
N LEU C 104 24.50 11.72 -13.95
CA LEU C 104 24.15 10.41 -14.49
C LEU C 104 22.98 9.81 -13.72
N ALA C 105 23.04 9.95 -12.39
CA ALA C 105 22.02 9.39 -11.52
C ALA C 105 20.67 10.08 -11.73
N GLU C 106 20.74 11.38 -11.97
CA GLU C 106 19.56 12.21 -12.18
C GLU C 106 18.83 11.80 -13.46
N ASN C 107 19.50 11.03 -14.32
CA ASN C 107 18.95 10.68 -15.63
C ASN C 107 18.65 9.22 -15.86
N SER C 108 18.84 8.42 -14.82
CA SER C 108 18.49 7.02 -14.85
C SER C 108 18.12 6.55 -13.47
N GLY C 109 16.84 6.28 -13.25
CA GLY C 109 16.38 5.83 -11.96
C GLY C 109 17.19 4.63 -11.49
N LYS C 110 17.64 3.81 -12.44
CA LYS C 110 18.45 2.65 -12.10
C LYS C 110 19.78 3.07 -11.47
N PHE C 111 20.46 4.02 -12.11
CA PHE C 111 21.69 4.56 -11.57
C PHE C 111 21.45 5.19 -10.19
N SER C 112 20.30 5.84 -10.05
CA SER C 112 19.97 6.53 -8.81
C SER C 112 19.79 5.55 -7.67
N VAL C 113 19.14 4.43 -7.97
CA VAL C 113 18.99 3.36 -7.00
C VAL C 113 20.37 2.82 -6.65
N LEU C 114 21.16 2.49 -7.68
CA LEU C 114 22.51 1.97 -7.47
C LEU C 114 23.28 2.85 -6.52
N ARG C 115 23.44 4.12 -6.89
CA ARG C 115 24.12 5.10 -6.05
C ARG C 115 23.59 5.08 -4.62
N ASP C 116 22.27 5.05 -4.46
CA ASP C 116 21.67 4.96 -3.13
C ASP C 116 22.19 3.73 -2.42
N LEU C 117 22.14 2.60 -3.14
CA LEU C 117 22.57 1.32 -2.60
C LEU C 117 24.01 1.44 -2.13
N ILE C 118 24.90 1.79 -3.05
CA ILE C 118 26.33 1.92 -2.77
C ILE C 118 26.65 2.89 -1.62
N ASN C 119 25.82 3.91 -1.45
CA ASN C 119 25.99 4.83 -0.34
C ASN C 119 25.86 4.12 1.00
N LEU C 120 25.23 2.96 0.98
CA LEU C 120 25.10 2.14 2.18
C LEU C 120 26.23 1.13 2.28
N VAL C 121 26.40 0.33 1.23
CA VAL C 121 27.41 -0.72 1.25
C VAL C 121 28.83 -0.18 1.38
N GLN C 122 29.05 1.07 1.02
CA GLN C 122 30.39 1.67 1.10
C GLN C 122 30.87 1.84 2.53
N GLU C 123 29.92 1.91 3.47
CA GLU C 123 30.22 2.02 4.89
C GLU C 123 30.89 0.77 5.44
N TYR C 124 30.64 -0.37 4.80
CA TYR C 124 31.15 -1.66 5.27
C TYR C 124 32.50 -2.01 4.67
N GLU C 125 33.18 -2.97 5.30
CA GLU C 125 34.38 -3.53 4.70
C GLU C 125 33.92 -4.70 3.84
N THR C 126 33.83 -4.47 2.55
CA THR C 126 33.29 -5.46 1.64
C THR C 126 33.81 -5.31 0.23
N GLU C 127 33.87 -6.43 -0.48
CA GLU C 127 34.07 -6.42 -1.91
C GLU C 127 32.71 -6.69 -2.56
N THR C 128 32.24 -5.79 -3.41
CA THR C 128 30.96 -5.99 -4.09
C THR C 128 31.15 -6.05 -5.59
N ALA C 129 30.59 -7.08 -6.20
CA ALA C 129 30.75 -7.30 -7.63
C ALA C 129 29.55 -6.74 -8.41
N ILE C 130 29.82 -6.23 -9.61
CA ILE C 130 28.77 -5.72 -10.46
C ILE C 130 29.04 -6.15 -11.89
N VAL C 131 28.05 -6.79 -12.51
CA VAL C 131 28.19 -7.24 -13.88
C VAL C 131 27.24 -6.47 -14.77
N CYS C 132 27.74 -6.01 -15.90
CA CYS C 132 26.95 -5.28 -16.85
C CYS C 132 27.56 -5.49 -18.24
N ARG C 133 26.85 -5.09 -19.28
CA ARG C 133 27.38 -5.28 -20.61
C ARG C 133 28.61 -4.41 -20.77
N PRO C 134 29.58 -4.88 -21.56
CA PRO C 134 30.83 -4.17 -21.78
C PRO C 134 30.59 -2.88 -22.53
N GLY C 135 31.64 -2.09 -22.72
CA GLY C 135 31.54 -0.90 -23.52
C GLY C 135 31.16 0.33 -22.72
N ARG C 136 30.31 1.15 -23.32
CA ARG C 136 29.89 2.40 -22.72
C ARG C 136 29.20 2.20 -21.37
N THR C 137 28.47 1.09 -21.23
CA THR C 137 27.84 0.77 -19.97
C THR C 137 28.89 0.68 -18.87
N ASP C 139 31.85 2.17 -18.79
CA ASP C 139 32.36 3.50 -18.51
C ASP C 139 31.39 4.29 -17.63
N LEU C 140 30.14 4.36 -18.04
CA LEU C 140 29.11 5.07 -17.29
C LEU C 140 29.00 4.52 -15.87
N LEU C 141 29.14 3.21 -15.75
CA LEU C 141 29.07 2.56 -14.45
C LEU C 141 30.20 3.11 -13.58
N GLU C 142 31.40 3.14 -14.15
CA GLU C 142 32.57 3.63 -13.44
C GLU C 142 32.37 5.10 -13.04
N ALA C 143 31.98 5.92 -14.02
CA ALA C 143 31.74 7.33 -13.80
C ALA C 143 30.78 7.53 -12.64
N LEU C 144 29.70 6.76 -12.62
CA LEU C 144 28.69 6.87 -11.58
C LEU C 144 29.29 6.56 -10.22
N LEU C 145 30.17 5.57 -10.20
CA LEU C 145 30.76 5.10 -8.95
C LEU C 145 31.79 6.07 -8.37
N LEU C 146 32.38 6.89 -9.22
CA LEU C 146 33.36 7.89 -8.76
C LEU C 146 32.75 8.87 -7.74
N GLY C 147 31.42 8.92 -7.67
CA GLY C 147 30.76 9.74 -6.69
C GLY C 147 30.57 9.03 -5.36
N ASN C 148 31.26 7.90 -5.18
CA ASN C 148 31.10 7.07 -4.00
C ASN C 148 32.43 6.81 -3.29
N LYS C 149 32.41 6.87 -1.96
CA LYS C 149 33.59 6.60 -1.13
C LYS C 149 33.95 5.12 -1.30
N VAL C 150 34.61 4.79 -2.42
CA VAL C 150 34.71 3.41 -2.82
C VAL C 150 35.84 3.15 -3.83
N HIS C 151 36.57 2.07 -3.62
CA HIS C 151 37.58 1.62 -4.58
C HIS C 151 36.88 0.99 -5.78
N ILE C 152 37.43 1.17 -6.97
CA ILE C 152 36.84 0.63 -8.17
C ILE C 152 37.86 -0.18 -8.95
N LYS C 153 37.55 -1.47 -9.18
CA LYS C 153 38.40 -2.32 -10.00
C LYS C 153 37.65 -2.79 -11.24
N ARG C 154 38.28 -2.61 -12.41
CA ARG C 154 37.76 -3.19 -13.65
C ARG C 154 38.64 -4.36 -14.07
N TYR C 155 38.14 -5.18 -15.00
CA TYR C 155 38.84 -6.39 -15.41
C TYR C 155 38.89 -6.48 -16.93
N ASP C 156 38.95 -5.33 -17.58
CA ASP C 156 39.07 -5.26 -19.03
C ASP C 156 40.29 -4.43 -19.42
N GLY C 157 41.10 -4.07 -18.43
CA GLY C 157 42.31 -3.31 -18.67
C GLY C 157 42.04 -1.86 -19.05
N HIS C 158 40.77 -1.50 -19.14
CA HIS C 158 40.38 -0.14 -19.43
C HIS C 158 39.97 0.60 -18.17
N SER C 159 39.77 1.91 -18.31
CA SER C 159 39.29 2.74 -17.23
C SER C 159 39.29 4.18 -17.69
N ILE C 160 38.59 5.03 -16.94
CA ILE C 160 38.50 6.44 -17.27
C ILE C 160 39.34 7.28 -16.31
N LYS C 161 39.94 6.62 -15.31
CA LYS C 161 40.80 7.29 -14.33
C LYS C 161 42.16 6.62 -14.19
N ASP C 168 41.68 5.58 1.24
CA ASP C 168 41.46 4.43 2.10
C ASP C 168 39.97 4.12 2.24
N PHE C 169 39.51 3.14 1.49
CA PHE C 169 38.09 2.79 1.48
C PHE C 169 37.82 1.36 1.93
N SER C 170 36.86 1.20 2.82
CA SER C 170 36.48 -0.12 3.30
C SER C 170 35.85 -0.91 2.17
N CYS C 171 35.13 -0.21 1.29
CA CYS C 171 34.42 -0.89 0.22
C CYS C 171 35.10 -0.80 -1.14
N THR C 172 35.23 -1.94 -1.79
CA THR C 172 35.73 -2.00 -3.16
C THR C 172 34.65 -2.58 -4.07
N VAL C 173 34.48 -1.99 -5.24
CA VAL C 173 33.48 -2.45 -6.19
C VAL C 173 34.14 -2.92 -7.47
N HIS C 174 33.89 -4.18 -7.83
CA HIS C 174 34.51 -4.80 -8.99
C HIS C 174 33.53 -4.85 -10.17
N LEU C 175 33.93 -4.26 -11.29
CA LEU C 175 33.07 -4.18 -12.46
C LEU C 175 33.44 -5.22 -13.52
N PHE C 176 32.56 -6.19 -13.72
CA PHE C 176 32.81 -7.26 -14.69
C PHE C 176 31.90 -7.18 -15.91
N SER C 177 32.43 -7.56 -17.06
CA SER C 177 31.62 -7.68 -18.26
C SER C 177 30.75 -8.92 -18.16
N SER C 178 29.52 -8.83 -18.66
CA SER C 178 28.62 -9.97 -18.73
C SER C 178 28.98 -10.85 -19.92
N GLU C 179 29.78 -10.31 -20.83
CA GLU C 179 30.10 -10.98 -22.08
C GLU C 179 31.58 -11.36 -22.18
N GLY C 180 32.02 -12.28 -21.32
CA GLY C 180 33.40 -12.75 -21.35
C GLY C 180 34.37 -11.87 -20.58
N ILE C 181 35.12 -12.46 -19.66
CA ILE C 181 35.94 -11.68 -18.73
C ILE C 181 37.46 -11.73 -18.95
N ASN C 182 38.04 -12.94 -18.86
CA ASN C 182 39.49 -13.13 -19.01
C ASN C 182 40.25 -12.97 -17.71
N PHE C 183 40.08 -13.93 -16.81
CA PHE C 183 40.66 -13.84 -15.47
C PHE C 183 42.15 -14.16 -15.42
N THR C 184 42.70 -14.55 -16.56
CA THR C 184 44.12 -14.91 -16.61
C THR C 184 45.02 -13.69 -16.83
N LYS C 185 44.54 -12.75 -17.64
CA LYS C 185 45.26 -11.49 -17.81
C LYS C 185 44.86 -10.50 -16.72
N TYR C 186 43.69 -10.73 -16.12
CA TYR C 186 43.16 -9.88 -15.06
C TYR C 186 42.55 -10.74 -13.97
N PRO C 187 43.35 -11.15 -12.99
CA PRO C 187 42.90 -12.05 -11.93
C PRO C 187 42.26 -11.29 -10.77
N ILE C 188 41.51 -12.00 -9.95
CA ILE C 188 40.89 -11.39 -8.77
C ILE C 188 41.91 -11.26 -7.64
N LYS C 189 42.61 -10.14 -7.62
CA LYS C 189 43.61 -9.88 -6.58
C LYS C 189 42.94 -9.63 -5.22
N SER C 190 41.62 -9.75 -5.19
CA SER C 190 40.81 -9.41 -4.01
C SER C 190 41.28 -10.00 -2.67
N LYS C 191 41.39 -11.33 -2.62
CA LYS C 191 41.73 -12.02 -1.36
C LYS C 191 40.58 -12.05 -0.38
N ALA C 192 39.35 -11.99 -0.88
CA ALA C 192 38.15 -12.07 -0.05
C ALA C 192 36.90 -12.28 -0.90
N ARG C 193 35.86 -12.84 -0.28
CA ARG C 193 34.61 -13.15 -0.97
C ARG C 193 33.86 -11.90 -1.40
N PHE C 194 33.08 -12.02 -2.47
CA PHE C 194 32.14 -10.97 -2.85
C PHE C 194 30.89 -11.11 -2.00
N ASP C 195 30.62 -10.12 -1.17
CA ASP C 195 29.49 -10.17 -0.26
C ASP C 195 28.16 -9.98 -0.98
N LEU C 197 26.56 -9.79 -5.46
CA LEU C 197 26.75 -9.55 -6.89
C LEU C 197 25.54 -8.84 -7.52
N ILE C 198 25.82 -7.75 -8.23
CA ILE C 198 24.75 -6.90 -8.76
C ILE C 198 24.62 -6.98 -10.28
N CYS C 199 23.42 -7.28 -10.75
CA CYS C 199 23.13 -7.30 -12.19
C CYS C 199 22.59 -5.96 -12.65
N LEU C 200 23.37 -5.25 -13.46
CA LEU C 200 22.96 -3.94 -13.95
C LEU C 200 22.05 -4.07 -15.17
N ASP C 201 22.55 -4.68 -16.24
CA ASP C 201 21.74 -4.94 -17.42
C ASP C 201 20.97 -6.25 -17.25
N THR C 202 20.23 -6.61 -18.29
CA THR C 202 19.64 -7.93 -18.42
C THR C 202 20.57 -8.74 -19.32
N THR C 203 21.71 -8.15 -19.62
CA THR C 203 22.74 -8.79 -20.43
C THR C 203 23.43 -9.86 -19.61
N VAL C 204 23.21 -9.81 -18.29
CA VAL C 204 23.87 -10.71 -17.36
C VAL C 204 23.20 -12.05 -17.25
N ASP C 205 23.94 -13.10 -17.61
CA ASP C 205 23.49 -14.47 -17.43
C ASP C 205 24.21 -15.08 -16.23
N THR C 206 23.54 -15.14 -15.08
CA THR C 206 24.16 -15.67 -13.87
C THR C 206 24.45 -17.17 -13.97
N SER C 207 23.90 -17.83 -14.98
CA SER C 207 24.11 -19.25 -15.14
C SER C 207 25.48 -19.54 -15.75
N GLN C 208 25.96 -18.65 -16.60
CA GLN C 208 27.26 -18.81 -17.24
C GLN C 208 28.37 -19.13 -16.23
N LYS C 209 29.45 -19.72 -16.72
CA LYS C 209 30.52 -20.16 -15.84
C LYS C 209 31.26 -19.01 -15.17
N ASP C 210 31.67 -18.02 -15.95
CA ASP C 210 32.42 -16.90 -15.39
C ASP C 210 31.66 -16.21 -14.25
N ILE C 211 30.35 -16.11 -14.38
CA ILE C 211 29.55 -15.51 -13.32
C ILE C 211 29.35 -16.48 -12.14
N GLN C 212 29.25 -17.77 -12.44
CA GLN C 212 29.18 -18.78 -11.39
C GLN C 212 30.50 -18.83 -10.59
N TYR C 213 31.61 -18.61 -11.29
CA TYR C 213 32.91 -18.50 -10.63
C TYR C 213 32.91 -17.37 -9.62
N LEU C 214 32.42 -16.21 -10.05
CA LEU C 214 32.35 -15.04 -9.18
C LEU C 214 31.54 -15.29 -7.91
N LEU C 215 30.35 -15.86 -8.07
CA LEU C 215 29.44 -16.06 -6.94
C LEU C 215 30.04 -16.99 -5.88
N GLN C 216 30.75 -18.01 -6.34
CA GLN C 216 31.45 -18.92 -5.44
C GLN C 216 32.92 -18.53 -5.37
N TYR C 217 33.25 -17.68 -4.40
CA TYR C 217 34.62 -17.22 -4.24
C TYR C 217 35.08 -17.46 -2.80
N LYS C 218 34.29 -18.27 -2.10
CA LYS C 218 34.62 -18.71 -0.74
C LYS C 218 33.46 -19.51 -0.13
N GLU C 225 26.88 -18.59 2.71
CA GLU C 225 26.95 -19.93 2.14
C GLU C 225 27.64 -19.97 0.77
N ARG C 226 27.43 -21.07 0.05
CA ARG C 226 28.19 -21.34 -1.16
C ARG C 226 28.14 -20.22 -2.20
N TYR C 227 27.01 -19.55 -2.28
CA TYR C 227 26.79 -18.57 -3.33
C TYR C 227 26.59 -17.15 -2.81
N ALA C 228 27.19 -16.18 -3.49
CA ALA C 228 26.95 -14.77 -3.19
C ALA C 228 25.52 -14.40 -3.57
N PRO C 229 24.87 -13.54 -2.76
CA PRO C 229 23.51 -13.14 -3.12
C PRO C 229 23.52 -12.38 -4.44
N ILE C 230 22.57 -12.68 -5.30
CA ILE C 230 22.38 -11.92 -6.52
C ILE C 230 21.29 -10.91 -6.28
N VAL C 231 21.56 -9.65 -6.64
CA VAL C 231 20.50 -8.65 -6.63
C VAL C 231 20.47 -7.91 -7.97
N ARG C 232 19.33 -7.99 -8.63
CA ARG C 232 19.18 -7.51 -10.00
C ARG C 232 18.42 -6.18 -10.03
N LEU C 233 19.04 -5.15 -10.59
CA LEU C 233 18.38 -3.86 -10.75
C LEU C 233 17.45 -3.89 -11.95
N VAL C 234 16.16 -3.64 -11.70
CA VAL C 234 15.13 -3.76 -12.73
C VAL C 234 14.16 -2.59 -12.72
N ALA C 235 13.99 -1.95 -13.87
CA ALA C 235 13.02 -0.86 -13.97
C ALA C 235 11.61 -1.43 -14.06
N ILE C 236 10.71 -1.05 -13.15
CA ILE C 236 9.36 -1.64 -13.16
C ILE C 236 8.64 -1.46 -14.47
N ASN C 237 7.92 -2.49 -14.89
CA ASN C 237 7.10 -2.39 -16.09
C ASN C 237 7.91 -1.95 -17.32
N SER C 238 9.22 -2.10 -17.22
CA SER C 238 10.11 -1.82 -18.33
C SER C 238 10.47 -3.13 -19.00
N ILE C 239 11.10 -3.05 -20.16
CA ILE C 239 11.57 -4.24 -20.83
C ILE C 239 12.33 -5.11 -19.83
N ASP C 240 13.10 -4.46 -18.96
CA ASP C 240 13.85 -5.15 -17.90
C ASP C 240 12.97 -6.12 -17.14
N HIS C 241 11.84 -5.61 -16.66
CA HIS C 241 10.86 -6.40 -15.93
C HIS C 241 10.38 -7.56 -16.79
N CYS C 242 10.01 -7.24 -18.03
CA CYS C 242 9.50 -8.23 -18.97
C CYS C 242 10.47 -9.37 -19.18
N ARG C 243 11.71 -9.04 -19.54
CA ARG C 243 12.72 -10.06 -19.85
C ARG C 243 12.97 -10.98 -18.67
N LEU C 244 12.88 -10.43 -17.47
CA LEU C 244 13.26 -11.13 -16.25
C LEU C 244 12.18 -12.11 -15.83
N PHE C 245 10.94 -11.71 -15.98
CA PHE C 245 9.81 -12.50 -15.51
C PHE C 245 9.40 -13.58 -16.52
N PHE C 246 9.13 -13.19 -17.77
CA PHE C 246 8.79 -14.17 -18.79
C PHE C 246 9.96 -15.11 -19.01
N GLY C 247 11.16 -14.65 -18.66
CA GLY C 247 12.35 -15.44 -18.82
C GLY C 247 12.33 -16.73 -18.02
N LYS C 248 11.65 -16.72 -16.89
CA LYS C 248 11.54 -17.90 -16.06
C LYS C 248 10.25 -18.66 -16.38
N LYS C 249 9.79 -18.55 -17.62
CA LYS C 249 8.47 -19.05 -17.98
C LYS C 249 8.35 -19.43 -19.44
N PHE C 250 9.35 -19.07 -20.25
CA PHE C 250 9.35 -19.41 -21.67
C PHE C 250 10.77 -19.59 -22.19
N ASP C 251 11.72 -19.00 -21.49
CA ASP C 251 13.14 -19.26 -21.73
C ASP C 251 13.59 -18.99 -23.16
N LYS C 252 14.90 -18.93 -23.31
CA LYS C 252 15.55 -18.98 -24.62
C LYS C 252 14.98 -17.99 -25.63
N ASN C 253 14.95 -18.42 -26.88
CA ASN C 253 14.49 -17.60 -27.98
C ASN C 253 13.20 -18.16 -28.55
N SER C 254 12.32 -18.62 -27.65
CA SER C 254 11.03 -19.13 -28.06
C SER C 254 10.21 -18.02 -28.70
N ARG C 255 9.25 -18.41 -29.53
CA ARG C 255 8.29 -17.46 -30.08
C ARG C 255 7.55 -16.81 -28.91
N GLU C 256 7.15 -17.64 -27.95
CA GLU C 256 6.31 -17.17 -26.86
C GLU C 256 7.02 -16.15 -25.97
N TYR C 257 8.33 -16.26 -25.86
CA TYR C 257 9.10 -15.31 -25.08
C TYR C 257 9.00 -13.95 -25.73
N LEU C 258 9.47 -13.84 -26.97
CA LEU C 258 9.43 -12.56 -27.68
C LEU C 258 8.01 -11.98 -27.76
N GLU C 259 7.01 -12.83 -27.95
CA GLU C 259 5.63 -12.36 -28.03
C GLU C 259 5.18 -11.73 -26.70
N ASN C 260 5.35 -12.48 -25.61
CA ASN C 260 4.94 -11.95 -24.31
C ASN C 260 5.76 -10.73 -23.88
N VAL C 261 7.05 -10.78 -24.20
CA VAL C 261 7.95 -9.71 -23.81
C VAL C 261 7.69 -8.41 -24.59
N THR C 262 7.50 -8.51 -25.90
CA THR C 262 7.24 -7.32 -26.71
C THR C 262 5.87 -6.74 -26.38
N ALA C 263 4.87 -7.59 -26.29
CA ALA C 263 3.52 -7.14 -25.97
C ALA C 263 3.53 -6.39 -24.64
N ALA C 264 4.26 -6.92 -23.67
CA ALA C 264 4.30 -6.32 -22.35
C ALA C 264 5.00 -4.97 -22.39
N VAL C 266 5.31 -2.93 -24.72
CA VAL C 266 4.51 -1.94 -25.42
C VAL C 266 3.32 -1.49 -24.59
N ILE C 267 2.68 -2.43 -23.92
CA ILE C 267 1.46 -2.12 -23.19
C ILE C 267 1.77 -1.48 -21.85
N LEU C 268 2.87 -1.89 -21.22
CA LEU C 268 3.24 -1.35 -19.92
C LEU C 268 3.85 0.04 -20.02
N ARG C 269 4.21 0.41 -21.26
CA ARG C 269 4.72 1.73 -21.60
C ARG C 269 4.11 2.88 -20.80
N ASP C 270 2.85 2.74 -20.39
CA ASP C 270 2.15 3.82 -19.68
C ASP C 270 2.46 3.86 -18.18
N ARG C 271 2.71 2.71 -17.58
CA ARG C 271 2.98 2.61 -16.14
C ARG C 271 4.47 2.43 -15.92
N LEU C 272 5.22 2.56 -17.00
CA LEU C 272 6.67 2.44 -17.01
C LEU C 272 7.35 3.14 -15.83
N GLY C 273 8.11 2.38 -15.06
CA GLY C 273 9.00 2.95 -14.06
C GLY C 273 8.39 3.72 -12.90
N THR C 274 7.19 3.33 -12.47
CA THR C 274 6.67 3.88 -11.23
C THR C 274 6.47 2.79 -10.20
N LEU C 275 7.10 2.99 -9.05
CA LEU C 275 7.00 2.05 -7.94
C LEU C 275 5.58 2.09 -7.39
N PRO C 276 5.13 0.97 -6.83
CA PRO C 276 3.81 0.95 -6.19
C PRO C 276 3.83 1.81 -4.94
N PRO C 277 2.67 2.31 -4.52
CA PRO C 277 2.56 3.15 -3.32
C PRO C 277 3.23 2.52 -2.10
N ASP C 278 3.04 1.21 -1.90
CA ASP C 278 3.69 0.49 -0.80
C ASP C 278 5.20 0.69 -0.81
N LEU C 279 5.79 0.56 -1.99
CA LEU C 279 7.24 0.46 -2.14
C LEU C 279 7.93 1.82 -2.07
N ARG C 280 7.19 2.89 -2.36
CA ARG C 280 7.81 4.22 -2.51
C ARG C 280 8.62 4.68 -1.30
N PRO C 281 8.04 4.63 -0.09
CA PRO C 281 8.75 5.16 1.07
C PRO C 281 10.14 4.56 1.24
N ILE C 282 10.27 3.25 1.03
CA ILE C 282 11.56 2.57 1.09
C ILE C 282 12.59 3.29 0.24
N TYR C 283 12.20 3.65 -0.98
CA TYR C 283 13.06 4.33 -1.93
C TYR C 283 13.24 5.80 -1.60
N SER C 284 12.16 6.46 -1.21
CA SER C 284 12.20 7.83 -0.74
C SER C 284 13.15 7.92 0.47
N GLN C 285 13.16 6.86 1.27
CA GLN C 285 14.00 6.81 2.47
C GLN C 285 15.42 6.42 2.10
N LYS C 286 15.74 6.55 0.82
CA LYS C 286 17.09 6.29 0.33
C LYS C 286 17.55 4.86 0.67
N LEU C 287 16.58 3.96 0.82
CA LEU C 287 16.84 2.52 0.87
C LEU C 287 17.43 2.01 2.18
N HIS C 288 17.31 2.78 3.25
CA HIS C 288 17.84 2.33 4.54
C HIS C 288 17.15 1.04 4.98
N TYR C 289 15.95 0.82 4.47
CA TYR C 289 15.19 -0.39 4.75
C TYR C 289 16.01 -1.65 4.51
N LEU C 290 17.12 -1.53 3.79
CA LEU C 290 17.90 -2.70 3.40
C LEU C 290 19.12 -2.97 4.29
N VAL C 291 19.33 -2.14 5.30
CA VAL C 291 20.54 -2.26 6.12
C VAL C 291 20.60 -3.61 6.85
N GLU C 292 19.48 -4.02 7.44
CA GLU C 292 19.45 -5.32 8.10
C GLU C 292 19.95 -6.41 7.17
N TRP C 293 19.33 -6.53 6.00
CA TRP C 293 19.75 -7.55 5.03
C TRP C 293 21.22 -7.40 4.58
N LEU C 294 21.70 -6.16 4.56
CA LEU C 294 23.08 -5.90 4.15
C LEU C 294 24.08 -6.46 5.16
N GLU C 295 23.66 -6.49 6.42
CA GLU C 295 24.53 -6.95 7.49
C GLU C 295 24.39 -8.45 7.75
N ASN C 296 23.19 -8.99 7.51
CA ASN C 296 22.97 -10.43 7.58
C ASN C 296 22.39 -10.94 6.27
N PRO C 297 23.26 -11.20 5.27
CA PRO C 297 22.83 -11.62 3.93
C PRO C 297 22.10 -12.97 3.95
N THR C 298 21.84 -13.49 5.15
CA THR C 298 21.11 -14.73 5.31
C THR C 298 19.63 -14.47 5.57
N VAL C 299 19.33 -13.29 6.12
CA VAL C 299 17.95 -12.89 6.35
C VAL C 299 17.20 -12.83 5.02
N PRO C 300 15.87 -13.01 5.04
CA PRO C 300 15.11 -12.96 3.79
C PRO C 300 15.16 -11.60 3.15
N TRP C 301 15.16 -11.55 1.82
CA TRP C 301 15.09 -10.29 1.09
C TRP C 301 13.83 -9.55 1.52
N PRO C 302 13.99 -8.29 1.97
CA PRO C 302 12.91 -7.49 2.57
C PRO C 302 11.84 -7.07 1.57
N LEU C 303 12.17 -7.06 0.29
CA LEU C 303 11.25 -6.59 -0.74
C LEU C 303 10.45 -7.73 -1.36
N PRO C 304 9.27 -7.41 -1.90
CA PRO C 304 8.39 -8.42 -2.51
C PRO C 304 9.09 -9.08 -3.68
N ASP C 305 8.67 -10.29 -4.05
CA ASP C 305 9.23 -10.94 -5.22
C ASP C 305 8.79 -10.20 -6.47
N ILE C 306 9.57 -10.34 -7.53
CA ILE C 306 9.25 -9.73 -8.81
C ILE C 306 7.75 -9.83 -9.13
N TYR C 307 7.09 -8.68 -9.19
CA TYR C 307 5.67 -8.64 -9.54
C TYR C 307 5.43 -9.35 -10.86
N PRO C 308 4.40 -10.19 -10.92
CA PRO C 308 4.10 -10.91 -12.17
C PRO C 308 3.49 -10.00 -13.21
N LEU C 309 3.67 -10.34 -14.47
CA LEU C 309 3.10 -9.56 -15.57
C LEU C 309 2.10 -10.42 -16.34
N LYS C 310 1.01 -9.80 -16.78
CA LYS C 310 -0.02 -10.52 -17.52
C LYS C 310 0.48 -10.94 -18.89
N GLN C 311 -0.02 -12.06 -19.38
CA GLN C 311 0.25 -12.45 -20.77
C GLN C 311 -0.74 -11.72 -21.64
N TYR C 312 -0.26 -10.74 -22.37
CA TYR C 312 -1.15 -9.89 -23.16
C TYR C 312 -1.43 -10.50 -24.51
N THR C 313 -2.59 -10.12 -25.07
CA THR C 313 -3.09 -10.68 -26.31
C THR C 313 -2.82 -9.76 -27.48
N SER C 314 -2.74 -10.33 -28.68
CA SER C 314 -2.70 -9.54 -29.89
C SER C 314 -3.76 -8.43 -29.81
N ASP C 316 -4.74 -6.87 -26.88
CA ASP C 316 -4.34 -5.86 -25.91
C ASP C 316 -3.34 -4.88 -26.49
N VAL C 317 -2.45 -5.39 -27.35
CA VAL C 317 -1.45 -4.58 -28.00
C VAL C 317 -2.11 -3.60 -28.98
N GLU C 318 -3.09 -4.07 -29.74
CA GLU C 318 -3.83 -3.18 -30.61
C GLU C 318 -4.48 -2.06 -29.80
N ARG C 319 -5.17 -2.43 -28.74
CA ARG C 319 -5.90 -1.46 -27.95
C ARG C 319 -4.94 -0.43 -27.38
N SER C 320 -3.77 -0.90 -26.98
CA SER C 320 -2.73 -0.05 -26.41
C SER C 320 -2.20 0.93 -27.44
N LEU C 321 -1.90 0.43 -28.63
CA LEU C 321 -1.35 1.26 -29.69
C LEU C 321 -2.33 2.29 -30.28
N LEU C 322 -3.63 2.03 -30.17
CA LEU C 322 -4.64 2.96 -30.66
C LEU C 322 -4.50 4.35 -30.05
N THR C 323 -4.61 4.43 -28.73
CA THR C 323 -4.53 5.70 -28.02
C THR C 323 -3.36 6.55 -28.52
N THR D 22 23.22 48.28 -10.41
CA THR D 22 22.89 48.18 -11.82
C THR D 22 21.47 48.71 -12.07
N SER D 23 20.83 48.24 -13.14
CA SER D 23 19.67 48.92 -13.74
C SER D 23 18.30 48.57 -13.18
N GLY D 24 18.25 47.70 -12.18
CA GLY D 24 16.97 47.19 -11.70
C GLY D 24 16.30 46.32 -12.73
N ASP D 25 17.10 45.74 -13.62
CA ASP D 25 16.62 44.82 -14.63
C ASP D 25 17.72 43.80 -14.93
N TYR D 26 17.71 42.71 -14.18
CA TYR D 26 18.81 41.75 -14.22
C TYR D 26 18.38 40.40 -14.75
N TRP D 27 19.36 39.64 -15.22
CA TRP D 27 19.07 38.27 -15.65
C TRP D 27 19.58 37.28 -14.62
N LEU D 28 18.88 36.16 -14.53
CA LEU D 28 19.32 35.04 -13.70
C LEU D 28 19.39 33.78 -14.59
N PRO D 29 20.59 33.46 -15.09
CA PRO D 29 20.77 32.30 -15.96
C PRO D 29 20.34 31.01 -15.26
N THR D 30 19.81 30.07 -16.04
CA THR D 30 19.40 28.78 -15.50
C THR D 30 19.88 27.72 -16.46
N THR D 31 20.15 26.53 -15.94
CA THR D 31 20.62 25.42 -16.78
C THR D 31 19.48 24.75 -17.56
N SER D 33 17.97 20.67 -18.23
CA SER D 33 18.05 19.24 -18.00
C SER D 33 18.43 18.52 -19.29
N LEU D 34 19.01 17.32 -19.15
CA LEU D 34 19.37 16.53 -20.32
C LEU D 34 18.19 16.40 -21.26
N TYR D 35 17.01 16.19 -20.69
CA TYR D 35 15.80 16.04 -21.48
C TYR D 35 15.45 17.33 -22.22
N GLN D 36 15.56 18.45 -21.53
CA GLN D 36 15.32 19.74 -22.16
C GLN D 36 16.28 19.97 -23.32
N LYS D 37 17.52 19.54 -23.15
CA LYS D 37 18.51 19.69 -24.20
C LYS D 37 18.12 18.87 -25.43
N GLU D 38 17.94 17.56 -25.25
CA GLU D 38 17.68 16.68 -26.40
C GLU D 38 16.33 16.99 -27.03
N LEU D 39 15.40 17.53 -26.25
CA LEU D 39 14.15 18.00 -26.82
C LEU D 39 14.40 19.12 -27.83
N THR D 40 15.12 20.15 -27.39
CA THR D 40 15.45 21.27 -28.26
C THR D 40 16.16 20.77 -29.50
N ASP D 41 17.15 19.92 -29.28
CA ASP D 41 17.91 19.29 -30.36
C ASP D 41 16.99 18.60 -31.37
N GLN D 42 15.95 17.95 -30.87
CA GLN D 42 14.97 17.33 -31.73
C GLN D 42 14.19 18.38 -32.49
N ILE D 43 13.69 19.37 -31.76
CA ILE D 43 12.91 20.44 -32.38
C ILE D 43 13.69 21.02 -33.56
N VAL D 44 14.99 21.20 -33.39
CA VAL D 44 15.82 21.74 -34.45
C VAL D 44 15.89 20.77 -35.62
N SER D 45 16.17 19.50 -35.34
CA SER D 45 16.26 18.51 -36.40
C SER D 45 14.98 18.49 -37.20
N LEU D 46 13.86 18.72 -36.53
CA LEU D 46 12.56 18.71 -37.18
C LEU D 46 12.47 19.77 -38.28
N HIS D 47 12.86 21.00 -37.95
CA HIS D 47 12.79 22.09 -38.90
C HIS D 47 14.08 22.18 -39.71
N TYR D 48 14.83 21.09 -39.72
CA TYR D 48 16.12 21.07 -40.40
C TYR D 48 16.07 21.73 -41.77
N SER D 49 15.29 21.14 -42.67
CA SER D 49 15.20 21.64 -44.04
C SER D 49 14.66 23.07 -44.09
N ASP D 50 13.60 23.33 -43.33
CA ASP D 50 13.02 24.66 -43.27
C ASP D 50 14.07 25.70 -42.87
N ILE D 51 14.98 25.34 -41.98
CA ILE D 51 16.03 26.25 -41.56
C ILE D 51 16.93 26.61 -42.72
N LEU D 52 17.48 25.59 -43.37
CA LEU D 52 18.39 25.80 -44.50
C LEU D 52 17.72 26.70 -45.52
N ARG D 53 16.44 26.46 -45.75
CA ARG D 53 15.65 27.25 -46.68
C ARG D 53 15.63 28.73 -46.27
N TYR D 54 15.20 28.98 -45.03
CA TYR D 54 15.06 30.33 -44.50
C TYR D 54 16.36 31.14 -44.62
N PHE D 55 17.49 30.45 -44.65
CA PHE D 55 18.78 31.14 -44.74
C PHE D 55 19.34 31.19 -46.16
N GLU D 56 18.93 30.23 -47.00
CA GLU D 56 19.36 30.19 -48.40
C GLU D 56 18.77 31.36 -49.19
N THR D 57 17.51 31.23 -49.54
CA THR D 57 16.79 32.30 -50.24
C THR D 57 16.55 33.47 -49.29
N SER D 58 17.63 34.16 -48.93
CA SER D 58 17.55 35.24 -47.95
C SER D 58 16.78 36.44 -48.48
N HIS D 59 16.16 37.18 -47.55
CA HIS D 59 15.33 38.34 -47.85
C HIS D 59 14.04 38.00 -48.60
N TYR D 60 14.13 37.16 -49.62
CA TYR D 60 12.93 36.73 -50.34
C TYR D 60 11.92 36.19 -49.33
N LYS D 61 12.33 35.17 -48.58
CA LYS D 61 11.56 34.62 -47.47
C LYS D 61 10.08 34.38 -47.77
N GLU D 62 9.69 33.12 -47.77
CA GLU D 62 8.29 32.74 -47.98
C GLU D 62 7.55 32.56 -46.66
N ASP D 63 6.24 32.79 -46.68
CA ASP D 63 5.43 32.79 -45.47
C ASP D 63 5.43 31.46 -44.70
N VAL D 64 5.30 30.35 -45.42
CA VAL D 64 5.35 29.03 -44.80
C VAL D 64 6.61 28.87 -43.96
N ILE D 65 7.75 29.26 -44.54
CA ILE D 65 9.03 29.14 -43.88
C ILE D 65 9.12 30.03 -42.65
N LEU D 66 8.64 31.27 -42.77
CA LEU D 66 8.57 32.17 -41.62
C LEU D 66 7.81 31.54 -40.46
N GLU D 67 6.61 31.06 -40.73
CA GLU D 67 5.82 30.37 -39.72
C GLU D 67 6.60 29.21 -39.12
N SER D 68 7.42 28.55 -39.93
CA SER D 68 8.21 27.44 -39.45
C SER D 68 9.26 27.95 -38.46
N LYS D 70 9.20 30.64 -36.90
CA LYS D 70 8.48 31.23 -35.79
C LYS D 70 8.06 30.16 -34.77
N THR D 71 7.49 29.06 -35.24
CA THR D 71 7.00 28.06 -34.31
C THR D 71 8.12 27.20 -33.75
N CYS D 73 10.89 28.46 -32.94
CA CYS D 73 11.25 29.35 -31.83
C CYS D 73 10.28 29.20 -30.68
N LEU D 74 8.99 29.10 -30.98
CA LEU D 74 8.00 28.99 -29.94
C LEU D 74 8.21 27.71 -29.12
N ASN D 75 8.29 26.58 -29.81
CA ASN D 75 8.45 25.30 -29.13
C ASN D 75 9.74 25.22 -28.33
N GLY D 76 10.79 25.85 -28.83
CA GLY D 76 12.04 25.96 -28.09
C GLY D 76 11.84 26.72 -26.80
N SER D 77 11.13 27.84 -26.88
CA SER D 77 10.83 28.66 -25.71
C SER D 77 10.09 27.89 -24.62
N LEU D 78 9.06 27.16 -25.02
CA LEU D 78 8.31 26.34 -24.08
C LEU D 78 9.22 25.37 -23.32
N VAL D 79 9.97 24.57 -24.07
CA VAL D 79 10.85 23.57 -23.50
C VAL D 79 11.82 24.21 -22.53
N ALA D 80 12.28 25.40 -22.87
CA ALA D 80 13.27 26.10 -22.07
C ALA D 80 12.78 26.36 -20.63
N THR D 81 11.47 26.57 -20.48
CA THR D 81 10.93 26.77 -19.15
C THR D 81 10.29 25.49 -18.60
N HIS D 82 9.78 24.65 -19.48
CA HIS D 82 9.42 23.28 -19.07
C HIS D 82 8.93 22.33 -20.18
N PRO D 83 9.50 21.13 -20.22
CA PRO D 83 9.15 20.11 -21.21
C PRO D 83 7.66 19.80 -21.26
N TYR D 84 6.97 19.90 -20.13
CA TYR D 84 5.54 19.60 -20.12
C TYR D 84 4.73 20.62 -20.92
N LEU D 85 5.29 21.81 -21.11
CA LEU D 85 4.62 22.81 -21.90
C LEU D 85 4.55 22.35 -23.36
N LEU D 86 5.36 21.35 -23.69
CA LEU D 86 5.39 20.85 -25.06
C LEU D 86 4.92 19.42 -25.20
N ILE D 87 5.07 18.62 -24.15
CA ILE D 87 4.70 17.21 -24.25
C ILE D 87 3.93 16.66 -23.04
N ASP D 88 2.62 16.59 -23.17
CA ASP D 88 1.73 16.12 -22.11
C ASP D 88 2.19 14.80 -21.56
N HIS D 89 2.60 13.92 -22.46
CA HIS D 89 3.05 12.57 -22.10
C HIS D 89 3.62 12.51 -20.69
N TYR D 90 2.99 11.70 -19.84
CA TYR D 90 3.57 11.34 -18.54
C TYR D 90 3.44 12.42 -17.48
N PRO D 92 2.03 14.09 -14.57
CA PRO D 92 1.16 13.58 -13.50
C PRO D 92 -0.26 14.08 -13.72
N LYS D 93 -1.26 13.23 -13.48
CA LYS D 93 -2.64 13.69 -13.63
C LYS D 93 -3.00 14.68 -12.52
N SER D 94 -2.31 14.56 -11.39
CA SER D 94 -2.46 15.51 -10.29
C SER D 94 -1.14 16.20 -10.00
N LEU D 95 -1.19 17.53 -9.86
CA LEU D 95 0.01 18.32 -9.60
C LEU D 95 0.11 18.72 -8.13
N ILE D 96 -0.77 18.14 -7.31
CA ILE D 96 -0.85 18.49 -5.89
C ILE D 96 -0.04 17.56 -5.01
N THR D 97 0.08 16.31 -5.43
CA THR D 97 0.76 15.30 -4.60
C THR D 97 2.13 15.78 -4.13
N ARG D 98 2.60 15.24 -3.01
CA ARG D 98 3.80 15.75 -2.35
C ARG D 98 5.01 15.84 -3.27
N ASP D 99 5.18 14.84 -4.12
CA ASP D 99 6.41 14.64 -4.89
C ASP D 99 6.53 15.56 -6.11
N VAL D 100 5.40 16.07 -6.59
CA VAL D 100 5.39 16.89 -7.80
C VAL D 100 6.43 18.02 -7.84
N PRO D 101 6.43 18.91 -6.83
CA PRO D 101 7.38 20.03 -6.85
C PRO D 101 8.80 19.59 -7.18
N ALA D 102 9.30 18.55 -6.53
CA ALA D 102 10.67 18.10 -6.79
C ALA D 102 10.81 17.57 -8.21
N HIS D 103 9.80 16.84 -8.67
CA HIS D 103 9.80 16.26 -10.00
C HIS D 103 9.86 17.33 -11.08
N LEU D 104 9.06 18.38 -10.90
CA LEU D 104 9.03 19.47 -11.87
C LEU D 104 10.38 20.15 -11.97
N ALA D 105 10.98 20.38 -10.80
CA ALA D 105 12.27 21.07 -10.73
C ALA D 105 13.36 20.22 -11.34
N GLU D 106 13.26 18.91 -11.14
CA GLU D 106 14.26 17.98 -11.65
C GLU D 106 14.26 17.94 -13.18
N ASN D 107 13.23 18.52 -13.79
CA ASN D 107 13.07 18.43 -15.24
C ASN D 107 13.13 19.75 -15.99
N SER D 108 13.40 20.82 -15.25
CA SER D 108 13.60 22.13 -15.85
C SER D 108 14.58 22.90 -15.00
N GLY D 109 15.78 23.12 -15.51
CA GLY D 109 16.78 23.88 -14.81
C GLY D 109 16.23 25.21 -14.35
N LYS D 110 15.35 25.80 -15.16
CA LYS D 110 14.73 27.06 -14.80
C LYS D 110 13.90 26.94 -13.53
N PHE D 111 13.05 25.92 -13.47
CA PHE D 111 12.25 25.65 -12.27
C PHE D 111 13.16 25.39 -11.07
N SER D 112 14.28 24.71 -11.31
CA SER D 112 15.20 24.36 -10.24
C SER D 112 15.87 25.60 -9.66
N VAL D 113 16.26 26.52 -10.53
CA VAL D 113 16.77 27.81 -10.08
C VAL D 113 15.68 28.54 -9.29
N LEU D 114 14.49 28.65 -9.87
CA LEU D 114 13.38 29.32 -9.19
C LEU D 114 13.23 28.80 -7.77
N ARG D 115 12.96 27.50 -7.65
CA ARG D 115 12.82 26.85 -6.35
C ARG D 115 13.98 27.22 -5.42
N ASP D 116 15.21 27.17 -5.94
CA ASP D 116 16.37 27.56 -5.14
C ASP D 116 16.19 28.99 -4.64
N LEU D 117 15.85 29.87 -5.57
CA LEU D 117 15.61 31.28 -5.26
C LEU D 117 14.59 31.42 -4.16
N ILE D 118 13.40 30.89 -4.40
CA ILE D 118 12.29 30.97 -3.45
C ILE D 118 12.61 30.37 -2.08
N ASN D 119 13.48 29.36 -2.06
CA ASN D 119 13.94 28.80 -0.79
C ASN D 119 14.66 29.83 0.08
N LEU D 120 15.14 30.90 -0.56
CA LEU D 120 15.77 32.00 0.15
C LEU D 120 14.75 33.08 0.48
N VAL D 121 14.06 33.56 -0.54
CA VAL D 121 13.13 34.67 -0.34
C VAL D 121 11.98 34.33 0.59
N GLN D 122 11.71 33.03 0.77
CA GLN D 122 10.60 32.61 1.63
C GLN D 122 10.88 32.87 3.10
N GLU D 123 12.16 32.98 3.44
CA GLU D 123 12.58 33.27 4.81
C GLU D 123 12.18 34.69 5.24
N TYR D 124 12.05 35.59 4.27
CA TYR D 124 11.75 37.00 4.54
C TYR D 124 10.25 37.29 4.60
N GLU D 125 9.90 38.43 5.18
CA GLU D 125 8.54 38.92 5.10
C GLU D 125 8.46 39.76 3.83
N THR D 126 7.90 39.19 2.78
CA THR D 126 7.90 39.84 1.48
C THR D 126 6.77 39.36 0.59
N GLU D 127 6.33 40.25 -0.28
CA GLU D 127 5.46 39.87 -1.37
C GLU D 127 6.31 39.83 -2.63
N THR D 128 6.36 38.69 -3.31
CA THR D 128 7.15 38.58 -4.54
C THR D 128 6.24 38.25 -5.73
N ALA D 129 6.40 39.01 -6.80
CA ALA D 129 5.55 38.85 -7.97
C ALA D 129 6.25 38.01 -9.02
N ILE D 130 5.47 37.22 -9.73
CA ILE D 130 6.00 36.41 -10.83
C ILE D 130 5.06 36.48 -12.01
N VAL D 131 5.59 36.85 -13.17
CA VAL D 131 4.78 36.90 -14.38
C VAL D 131 5.23 35.83 -15.36
N CYS D 132 4.26 35.13 -15.92
CA CYS D 132 4.54 34.08 -16.89
C CYS D 132 3.33 33.95 -17.80
N ARG D 133 3.49 33.27 -18.93
CA ARG D 133 2.37 33.13 -19.84
C ARG D 133 1.26 32.38 -19.12
N PRO D 134 0.01 32.69 -19.46
CA PRO D 134 -1.15 32.05 -18.83
C PRO D 134 -1.23 30.58 -19.21
N GLY D 135 -2.18 29.86 -18.63
CA GLY D 135 -2.43 28.49 -19.03
C GLY D 135 -1.64 27.49 -18.21
N ARG D 136 -1.14 26.47 -18.89
CA ARG D 136 -0.41 25.39 -18.23
C ARG D 136 0.84 25.91 -17.50
N THR D 137 1.47 26.94 -18.05
CA THR D 137 2.62 27.54 -17.37
C THR D 137 2.21 28.00 -15.98
N ASP D 139 -0.26 26.85 -14.09
CA ASP D 139 -0.49 25.69 -13.24
C ASP D 139 0.83 25.09 -12.76
N LEU D 140 1.74 24.81 -13.69
CA LEU D 140 3.04 24.26 -13.35
C LEU D 140 3.80 25.15 -12.38
N LEU D 141 3.67 26.46 -12.58
CA LEU D 141 4.30 27.42 -11.69
C LEU D 141 3.77 27.23 -10.28
N GLU D 142 2.45 27.15 -10.17
CA GLU D 142 1.79 26.96 -8.88
C GLU D 142 2.26 25.65 -8.26
N ALA D 143 2.19 24.59 -9.04
CA ALA D 143 2.57 23.27 -8.55
C ALA D 143 3.97 23.31 -7.97
N LEU D 144 4.86 23.97 -8.68
CA LEU D 144 6.26 24.05 -8.28
C LEU D 144 6.37 24.76 -6.95
N LEU D 145 5.55 25.79 -6.78
CA LEU D 145 5.62 26.63 -5.59
C LEU D 145 5.03 25.96 -4.35
N LEU D 146 4.18 24.97 -4.55
CA LEU D 146 3.61 24.22 -3.44
C LEU D 146 4.68 23.51 -2.62
N GLY D 147 5.89 23.39 -3.18
CA GLY D 147 6.99 22.80 -2.44
C GLY D 147 7.75 23.82 -1.62
N ASN D 148 7.16 25.00 -1.47
CA ASN D 148 7.83 26.11 -0.75
C ASN D 148 6.98 26.65 0.39
N LYS D 149 7.63 26.93 1.52
CA LYS D 149 6.99 27.55 2.68
C LYS D 149 6.51 28.96 2.31
N VAL D 150 5.40 29.03 1.59
CA VAL D 150 5.03 30.26 0.91
C VAL D 150 3.53 30.32 0.55
N HIS D 151 2.93 31.48 0.77
CA HIS D 151 1.57 31.73 0.32
C HIS D 151 1.57 31.94 -1.19
N ILE D 152 0.52 31.51 -1.86
CA ILE D 152 0.43 31.65 -3.30
C ILE D 152 -0.89 32.32 -3.69
N LYS D 153 -0.80 33.45 -4.38
CA LYS D 153 -1.98 34.13 -4.90
C LYS D 153 -1.97 34.17 -6.42
N ARG D 154 -3.07 33.73 -7.04
CA ARG D 154 -3.25 33.89 -8.49
C ARG D 154 -4.26 35.00 -8.75
N TYR D 155 -4.31 35.48 -9.99
CA TYR D 155 -5.20 36.57 -10.33
C TYR D 155 -6.00 36.26 -11.60
N ASP D 156 -6.29 34.98 -11.78
CA ASP D 156 -7.10 34.53 -12.91
C ASP D 156 -8.31 33.75 -12.42
N GLY D 157 -8.53 33.74 -11.12
CA GLY D 157 -9.66 33.04 -10.52
C GLY D 157 -9.51 31.54 -10.57
N HIS D 158 -8.42 31.07 -11.15
CA HIS D 158 -8.14 29.64 -11.21
C HIS D 158 -7.14 29.24 -10.14
N SER D 159 -6.96 27.93 -9.99
CA SER D 159 -5.96 27.37 -9.09
C SER D 159 -6.10 25.88 -9.07
N ILE D 160 -5.09 25.20 -8.52
CA ILE D 160 -5.09 23.75 -8.45
C ILE D 160 -5.29 23.28 -7.01
N LYS D 161 -5.37 24.24 -6.09
CA LYS D 161 -5.61 23.93 -4.68
C LYS D 161 -6.77 24.74 -4.09
N ASP D 168 1.00 29.89 8.24
CA ASP D 168 1.55 31.20 8.54
C ASP D 168 2.90 31.40 7.85
N PHE D 169 2.88 32.09 6.72
CA PHE D 169 4.11 32.30 5.94
C PHE D 169 4.47 33.78 5.80
N SER D 170 5.74 34.09 6.03
CA SER D 170 6.22 35.45 5.88
C SER D 170 6.19 35.84 4.42
N CYS D 171 6.42 34.87 3.54
CA CYS D 171 6.49 35.15 2.12
C CYS D 171 5.24 34.76 1.35
N THR D 172 4.75 35.70 0.53
CA THR D 172 3.66 35.42 -0.38
C THR D 172 4.13 35.65 -1.81
N VAL D 173 3.76 34.74 -2.70
CA VAL D 173 4.15 34.83 -4.10
C VAL D 173 2.91 35.00 -4.98
N HIS D 174 2.90 36.08 -5.75
CA HIS D 174 1.77 36.41 -6.61
C HIS D 174 2.05 36.07 -8.06
N LEU D 175 1.20 35.22 -8.64
CA LEU D 175 1.38 34.76 -10.00
C LEU D 175 0.48 35.51 -10.99
N PHE D 176 1.09 36.30 -11.86
CA PHE D 176 0.35 37.08 -12.84
C PHE D 176 0.55 36.59 -14.26
N SER D 177 -0.49 36.70 -15.08
CA SER D 177 -0.38 36.43 -16.50
C SER D 177 0.36 37.57 -17.20
N SER D 178 1.19 37.23 -18.18
CA SER D 178 1.90 38.22 -18.97
C SER D 178 0.97 38.78 -20.03
N GLU D 179 -0.13 38.08 -20.27
CA GLU D 179 -1.07 38.41 -21.34
C GLU D 179 -2.43 38.88 -20.81
N GLY D 180 -2.45 40.04 -20.16
CA GLY D 180 -3.69 40.61 -19.65
C GLY D 180 -4.11 40.05 -18.30
N ILE D 181 -4.36 40.92 -17.33
CA ILE D 181 -4.58 40.50 -15.95
C ILE D 181 -6.02 40.63 -15.42
N ASN D 182 -6.55 41.86 -15.40
CA ASN D 182 -7.91 42.13 -14.89
C ASN D 182 -7.95 42.38 -13.39
N PHE D 183 -7.42 43.53 -12.99
CA PHE D 183 -7.27 43.87 -11.58
C PHE D 183 -8.57 44.33 -10.92
N THR D 184 -9.63 44.44 -11.71
CA THR D 184 -10.91 44.89 -11.17
C THR D 184 -11.74 43.73 -10.60
N LYS D 185 -11.67 42.56 -11.23
CA LYS D 185 -12.29 41.37 -10.69
C LYS D 185 -11.35 40.70 -9.68
N TYR D 186 -10.06 40.96 -9.84
CA TYR D 186 -9.04 40.40 -8.96
C TYR D 186 -8.01 41.47 -8.58
N PRO D 187 -8.28 42.20 -7.49
CA PRO D 187 -7.42 43.30 -7.07
C PRO D 187 -6.26 42.84 -6.20
N ILE D 188 -5.23 43.67 -6.07
CA ILE D 188 -4.10 43.35 -5.22
C ILE D 188 -4.45 43.62 -3.75
N LYS D 189 -5.00 42.62 -3.08
CA LYS D 189 -5.34 42.74 -1.67
C LYS D 189 -4.08 42.82 -0.78
N SER D 190 -2.91 42.83 -1.42
CA SER D 190 -1.61 42.74 -0.73
C SER D 190 -1.41 43.71 0.43
N LYS D 191 -1.57 45.01 0.17
CA LYS D 191 -1.30 46.03 1.18
C LYS D 191 0.19 46.22 1.45
N ALA D 192 1.02 45.92 0.44
CA ALA D 192 2.47 46.12 0.55
C ALA D 192 3.14 45.99 -0.81
N ARG D 193 4.32 46.60 -0.94
CA ARG D 193 5.05 46.62 -2.21
C ARG D 193 5.57 45.23 -2.57
N PHE D 194 5.73 44.99 -3.88
CA PHE D 194 6.42 43.79 -4.34
C PHE D 194 7.93 44.05 -4.30
N ASP D 195 8.62 43.29 -3.46
CA ASP D 195 10.04 43.50 -3.23
C ASP D 195 10.86 43.03 -4.43
N LEU D 197 10.12 41.49 -8.86
CA LEU D 197 9.27 40.88 -9.89
C LEU D 197 10.06 39.94 -10.79
N ILE D 198 9.57 38.71 -10.93
CA ILE D 198 10.27 37.66 -11.66
C ILE D 198 9.64 37.31 -13.01
N CYS D 199 10.45 37.39 -14.07
CA CYS D 199 10.02 36.98 -15.41
C CYS D 199 10.35 35.53 -15.69
N LEU D 200 9.32 34.69 -15.77
CA LEU D 200 9.52 33.26 -16.01
C LEU D 200 9.70 32.96 -17.50
N ASP D 201 8.73 33.35 -18.32
CA ASP D 201 8.82 33.20 -19.76
C ASP D 201 9.52 34.41 -20.36
N THR D 202 9.63 34.40 -21.69
CA THR D 202 10.02 35.58 -22.44
C THR D 202 8.73 36.19 -22.97
N THR D 203 7.62 35.63 -22.52
CA THR D 203 6.30 36.12 -22.88
C THR D 203 6.03 37.44 -22.15
N VAL D 204 6.85 37.72 -21.14
CA VAL D 204 6.66 38.90 -20.30
C VAL D 204 7.23 40.17 -20.90
N ASP D 205 6.35 41.14 -21.15
CA ASP D 205 6.75 42.46 -21.60
C ASP D 205 6.66 43.44 -20.43
N THR D 206 7.80 43.74 -19.80
CA THR D 206 7.80 44.62 -18.64
C THR D 206 7.40 46.06 -19.00
N SER D 207 7.40 46.38 -20.29
CA SER D 207 7.04 47.72 -20.73
C SER D 207 5.53 47.95 -20.66
N GLN D 208 4.76 46.90 -20.91
CA GLN D 208 3.29 46.98 -20.86
C GLN D 208 2.80 47.67 -19.58
N LYS D 209 1.57 48.19 -19.63
CA LYS D 209 1.04 48.95 -18.50
C LYS D 209 0.77 48.10 -17.26
N ASP D 210 0.11 46.96 -17.45
CA ASP D 210 -0.21 46.12 -16.30
C ASP D 210 1.03 45.69 -15.51
N ILE D 211 2.14 45.46 -16.22
CA ILE D 211 3.38 45.10 -15.55
C ILE D 211 4.06 46.31 -14.93
N GLN D 212 3.93 47.47 -15.58
CA GLN D 212 4.45 48.71 -15.03
C GLN D 212 3.67 49.09 -13.76
N TYR D 213 2.38 48.79 -13.75
CA TYR D 213 1.57 48.98 -12.57
C TYR D 213 2.12 48.17 -11.41
N LEU D 214 2.40 46.89 -11.67
CA LEU D 214 2.95 46.00 -10.65
C LEU D 214 4.26 46.52 -10.05
N LEU D 215 5.20 46.92 -10.90
CA LEU D 215 6.52 47.33 -10.44
C LEU D 215 6.46 48.57 -9.55
N GLN D 216 5.55 49.48 -9.87
CA GLN D 216 5.33 50.66 -9.06
C GLN D 216 4.10 50.45 -8.18
N TYR D 217 4.32 49.91 -6.98
CA TYR D 217 3.22 49.63 -6.07
C TYR D 217 3.52 50.28 -4.72
N LYS D 218 4.50 51.19 -4.73
CA LYS D 218 4.82 52.00 -3.57
C LYS D 218 6.09 52.84 -3.83
N GLU D 225 13.29 52.20 -4.31
CA GLU D 225 12.86 53.30 -5.17
C GLU D 225 11.60 53.01 -5.99
N ARG D 226 11.37 53.85 -7.00
CA ARG D 226 10.09 53.86 -7.72
C ARG D 226 9.70 52.50 -8.30
N TYR D 227 10.69 51.72 -8.72
CA TYR D 227 10.42 50.48 -9.43
C TYR D 227 10.96 49.26 -8.71
N ALA D 228 10.15 48.20 -8.70
CA ALA D 228 10.59 46.92 -8.16
C ALA D 228 11.68 46.34 -9.06
N PRO D 229 12.66 45.65 -8.46
CA PRO D 229 13.71 45.07 -9.30
C PRO D 229 13.11 43.97 -10.18
N ILE D 230 13.52 43.95 -11.43
CA ILE D 230 13.14 42.87 -12.33
C ILE D 230 14.27 41.86 -12.38
N VAL D 231 13.93 40.60 -12.16
CA VAL D 231 14.91 39.55 -12.42
C VAL D 231 14.33 38.49 -13.33
N ARG D 232 15.00 38.27 -14.45
CA ARG D 232 14.50 37.43 -15.52
C ARG D 232 15.23 36.08 -15.57
N LEU D 233 14.48 35.00 -15.44
CA LEU D 233 15.05 33.65 -15.52
C LEU D 233 15.31 33.28 -16.97
N VAL D 234 16.58 33.00 -17.30
CA VAL D 234 16.96 32.75 -18.67
C VAL D 234 17.87 31.53 -18.80
N ALA D 235 17.50 30.59 -19.65
CA ALA D 235 18.36 29.44 -19.90
C ALA D 235 19.52 29.85 -20.81
N ILE D 236 20.78 29.67 -20.37
CA ILE D 236 21.91 30.11 -21.20
C ILE D 236 21.90 29.50 -22.59
N ASN D 237 22.25 30.31 -23.58
CA ASN D 237 22.43 29.83 -24.94
C ASN D 237 21.16 29.17 -25.46
N SER D 238 20.06 29.41 -24.77
CA SER D 238 18.77 28.93 -25.20
C SER D 238 18.07 30.03 -25.97
N ILE D 239 16.94 29.70 -26.60
CA ILE D 239 16.13 30.69 -27.27
C ILE D 239 15.90 31.86 -26.31
N ASP D 240 15.69 31.54 -25.04
CA ASP D 240 15.49 32.56 -24.01
C ASP D 240 16.59 33.63 -24.07
N HIS D 241 17.84 33.16 -24.06
CA HIS D 241 18.98 34.03 -24.14
C HIS D 241 18.93 34.87 -25.42
N CYS D 242 18.71 34.20 -26.54
CA CYS D 242 18.64 34.85 -27.85
C CYS D 242 17.59 35.98 -27.88
N ARG D 243 16.37 35.67 -27.48
CA ARG D 243 15.28 36.65 -27.55
C ARG D 243 15.59 37.88 -26.71
N LEU D 244 16.27 37.66 -25.59
CA LEU D 244 16.48 38.69 -24.59
C LEU D 244 17.57 39.66 -25.03
N PHE D 245 18.60 39.11 -25.64
CA PHE D 245 19.77 39.90 -26.01
C PHE D 245 19.60 40.62 -27.34
N PHE D 246 19.24 39.89 -28.39
CA PHE D 246 18.97 40.52 -29.67
C PHE D 246 17.79 41.47 -29.56
N GLY D 247 16.94 41.22 -28.57
CA GLY D 247 15.77 42.04 -28.35
C GLY D 247 16.13 43.49 -28.08
N LYS D 248 17.27 43.72 -27.45
CA LYS D 248 17.69 45.08 -27.14
C LYS D 248 18.63 45.60 -28.24
N LYS D 249 18.44 45.11 -29.45
CA LYS D 249 19.39 45.37 -30.52
C LYS D 249 18.75 45.32 -31.91
N PHE D 250 17.52 44.85 -32.00
CA PHE D 250 16.79 44.81 -33.27
C PHE D 250 15.29 44.96 -33.08
N ASP D 251 14.83 44.67 -31.86
CA ASP D 251 13.46 44.97 -31.47
C ASP D 251 12.41 44.37 -32.37
N LYS D 252 11.18 44.39 -31.85
CA LYS D 252 9.98 44.14 -32.64
C LYS D 252 10.07 42.87 -33.48
N ASN D 253 9.46 42.94 -34.66
CA ASN D 253 9.37 41.81 -35.56
C ASN D 253 10.19 42.08 -36.81
N SER D 254 11.35 42.69 -36.61
CA SER D 254 12.27 42.95 -37.72
C SER D 254 12.74 41.64 -38.34
N ARG D 255 13.18 41.71 -39.59
CA ARG D 255 13.80 40.56 -40.24
C ARG D 255 15.04 40.19 -39.46
N GLU D 256 15.83 41.20 -39.09
CA GLU D 256 17.10 40.98 -38.43
C GLU D 256 16.98 40.32 -37.06
N TYR D 257 15.88 40.59 -36.37
CA TYR D 257 15.62 39.94 -35.10
C TYR D 257 15.50 38.45 -35.33
N LEU D 258 14.50 38.04 -36.12
CA LEU D 258 14.26 36.63 -36.36
C LEU D 258 15.48 35.92 -36.92
N GLU D 259 16.21 36.60 -37.80
CA GLU D 259 17.40 36.00 -38.38
C GLU D 259 18.49 35.72 -37.33
N ASN D 260 18.85 36.74 -36.56
CA ASN D 260 19.84 36.55 -35.51
C ASN D 260 19.37 35.58 -34.42
N VAL D 261 18.10 35.68 -34.04
CA VAL D 261 17.54 34.82 -33.00
C VAL D 261 17.48 33.34 -33.42
N THR D 262 16.99 33.06 -34.63
CA THR D 262 16.91 31.68 -35.08
C THR D 262 18.30 31.09 -35.31
N ALA D 263 19.17 31.83 -35.96
CA ALA D 263 20.52 31.36 -36.22
C ALA D 263 21.20 31.01 -34.90
N ALA D 264 21.03 31.87 -33.89
CA ALA D 264 21.67 31.64 -32.61
C ALA D 264 21.09 30.41 -31.92
N VAL D 266 19.78 27.81 -33.14
CA VAL D 266 20.21 26.61 -33.83
C VAL D 266 21.68 26.32 -33.60
N ILE D 267 22.51 27.36 -33.64
CA ILE D 267 23.94 27.16 -33.49
C ILE D 267 24.35 26.91 -32.04
N LEU D 268 23.66 27.56 -31.10
CA LEU D 268 24.02 27.45 -29.68
C LEU D 268 23.54 26.11 -29.12
N ARG D 269 22.68 25.47 -29.88
CA ARG D 269 22.12 24.17 -29.54
C ARG D 269 23.10 23.22 -28.84
N ASP D 270 24.39 23.35 -29.13
CA ASP D 270 25.40 22.46 -28.57
C ASP D 270 25.85 22.86 -27.16
N ARG D 271 25.85 24.16 -26.86
CA ARG D 271 26.29 24.66 -25.57
C ARG D 271 25.08 25.00 -24.70
N LEU D 272 23.92 24.67 -25.22
CA LEU D 272 22.64 24.93 -24.56
C LEU D 272 22.66 24.63 -23.08
N GLY D 273 22.29 25.63 -22.29
CA GLY D 273 22.05 25.42 -20.87
C GLY D 273 23.18 24.93 -20.00
N THR D 274 24.41 25.32 -20.31
CA THR D 274 25.50 25.09 -19.37
C THR D 274 26.11 26.40 -18.89
N LEU D 275 26.13 26.58 -17.57
CA LEU D 275 26.71 27.77 -16.96
C LEU D 275 28.22 27.75 -17.15
N PRO D 276 28.83 28.94 -17.24
CA PRO D 276 30.29 29.02 -17.36
C PRO D 276 30.93 28.57 -16.05
N PRO D 277 32.19 28.12 -16.11
CA PRO D 277 32.89 27.63 -14.93
C PRO D 277 32.84 28.62 -13.78
N ASP D 278 33.01 29.90 -14.08
CA ASP D 278 32.91 30.94 -13.07
C ASP D 278 31.60 30.88 -12.30
N LEU D 279 30.52 30.72 -13.03
CA LEU D 279 29.19 30.89 -12.47
C LEU D 279 28.71 29.67 -11.69
N ARG D 280 29.28 28.50 -11.99
CA ARG D 280 28.77 27.24 -11.44
C ARG D 280 28.65 27.18 -9.92
N PRO D 281 29.73 27.53 -9.20
CA PRO D 281 29.71 27.41 -7.74
C PRO D 281 28.53 28.16 -7.10
N ILE D 282 28.23 29.35 -7.61
CA ILE D 282 27.10 30.12 -7.11
C ILE D 282 25.83 29.29 -7.15
N TYR D 283 25.63 28.58 -8.25
CA TYR D 283 24.46 27.74 -8.46
C TYR D 283 24.52 26.44 -7.67
N SER D 284 25.71 25.83 -7.68
CA SER D 284 25.98 24.66 -6.86
C SER D 284 25.73 24.98 -5.38
N GLN D 285 26.05 26.21 -5.01
CA GLN D 285 25.89 26.66 -3.63
C GLN D 285 24.43 27.04 -3.36
N LYS D 286 23.54 26.59 -4.24
CA LYS D 286 22.12 26.83 -4.08
C LYS D 286 21.79 28.32 -3.97
N LEU D 287 22.65 29.15 -4.57
CA LEU D 287 22.38 30.57 -4.80
C LEU D 287 22.45 31.45 -3.56
N HIS D 288 23.13 31.01 -2.52
CA HIS D 288 23.26 31.83 -1.32
C HIS D 288 23.99 33.13 -1.65
N TYR D 289 24.83 33.09 -2.67
CA TYR D 289 25.53 34.27 -3.17
C TYR D 289 24.62 35.49 -3.31
N LEU D 290 23.31 35.26 -3.36
CA LEU D 290 22.36 36.35 -3.63
C LEU D 290 21.71 36.95 -2.39
N VAL D 291 22.06 36.43 -1.21
CA VAL D 291 21.40 36.89 0.00
C VAL D 291 21.63 38.38 0.25
N GLU D 292 22.86 38.84 0.10
CA GLU D 292 23.13 40.25 0.27
C GLU D 292 22.17 41.09 -0.56
N TRP D 293 22.12 40.82 -1.86
CA TRP D 293 21.25 41.60 -2.74
C TRP D 293 19.77 41.46 -2.37
N LEU D 294 19.42 40.32 -1.79
CA LEU D 294 18.03 40.06 -1.43
C LEU D 294 17.59 40.96 -0.27
N GLU D 295 18.56 41.31 0.58
CA GLU D 295 18.29 42.10 1.76
C GLU D 295 18.45 43.59 1.49
N ASN D 296 19.35 43.94 0.57
CA ASN D 296 19.50 45.33 0.11
C ASN D 296 19.34 45.38 -1.40
N PRO D 297 18.09 45.44 -1.89
CA PRO D 297 17.81 45.46 -3.34
C PRO D 297 18.38 46.69 -4.04
N THR D 298 19.14 47.49 -3.30
CA THR D 298 19.78 48.67 -3.87
C THR D 298 21.22 48.35 -4.28
N VAL D 299 21.81 47.35 -3.65
CA VAL D 299 23.15 46.91 -3.99
C VAL D 299 23.16 46.44 -5.44
N PRO D 300 24.31 46.55 -6.12
CA PRO D 300 24.39 46.07 -7.51
C PRO D 300 24.12 44.58 -7.63
N TRP D 301 23.48 44.18 -8.73
CA TRP D 301 23.26 42.76 -9.01
C TRP D 301 24.62 42.06 -9.04
N PRO D 302 24.77 41.00 -8.24
CA PRO D 302 26.05 40.31 -8.05
C PRO D 302 26.54 39.53 -9.28
N LEU D 303 25.63 39.19 -10.18
CA LEU D 303 25.96 38.37 -11.35
C LEU D 303 26.30 39.24 -12.56
N PRO D 304 27.11 38.69 -13.48
CA PRO D 304 27.52 39.43 -14.67
C PRO D 304 26.29 39.79 -15.50
N ASP D 305 26.41 40.81 -16.35
CA ASP D 305 25.32 41.16 -17.25
C ASP D 305 25.14 40.08 -18.31
N ILE D 306 23.93 40.00 -18.87
CA ILE D 306 23.63 39.03 -19.89
C ILE D 306 24.79 38.92 -20.90
N TYR D 307 25.41 37.74 -20.95
CA TYR D 307 26.48 37.47 -21.91
C TYR D 307 26.03 37.76 -23.32
N PRO D 308 26.86 38.45 -24.09
CA PRO D 308 26.47 38.78 -25.47
C PRO D 308 26.56 37.55 -26.37
N LEU D 309 25.78 37.56 -27.44
CA LEU D 309 25.80 36.47 -28.40
C LEU D 309 26.26 37.00 -29.76
N LYS D 310 27.02 36.19 -30.48
CA LYS D 310 27.51 36.59 -31.79
C LYS D 310 26.40 36.66 -32.83
N GLN D 311 26.57 37.56 -33.79
CA GLN D 311 25.65 37.60 -34.92
C GLN D 311 26.14 36.56 -35.91
N TYR D 312 25.40 35.46 -36.02
CA TYR D 312 25.82 34.35 -36.87
C TYR D 312 25.37 34.55 -38.30
N THR D 313 26.11 33.95 -39.22
CA THR D 313 25.91 34.12 -40.64
C THR D 313 25.16 32.94 -41.22
N SER D 314 24.49 33.15 -42.34
CA SER D 314 23.92 32.05 -43.11
C SER D 314 24.94 30.92 -43.24
N ASP D 316 27.35 30.13 -40.84
CA ASP D 316 27.52 29.46 -39.56
C ASP D 316 26.40 28.46 -39.29
N VAL D 317 25.20 28.80 -39.75
CA VAL D 317 24.04 27.93 -39.57
C VAL D 317 24.17 26.67 -40.42
N GLU D 318 24.65 26.84 -41.65
CA GLU D 318 24.94 25.69 -42.50
C GLU D 318 25.96 24.76 -41.84
N ARG D 319 27.08 25.33 -41.41
CA ARG D 319 28.15 24.55 -40.80
C ARG D 319 27.61 23.82 -39.58
N SER D 320 26.76 24.50 -38.80
CA SER D 320 26.18 23.93 -37.60
C SER D 320 25.28 22.74 -37.92
N LEU D 321 24.43 22.92 -38.93
CA LEU D 321 23.46 21.87 -39.30
C LEU D 321 24.09 20.65 -39.97
N LEU D 322 25.28 20.82 -40.54
CA LEU D 322 25.98 19.71 -41.18
C LEU D 322 26.23 18.56 -40.23
N THR D 323 26.98 18.82 -39.16
CA THR D 323 27.33 17.81 -38.18
C THR D 323 26.10 16.98 -37.75
#